data_1HZX
#
_entry.id   1HZX
#
_cell.length_a   97.246
_cell.length_b   97.246
_cell.length_c   149.544
_cell.angle_alpha   90.00
_cell.angle_beta   90.00
_cell.angle_gamma   90.00
#
_symmetry.space_group_name_H-M   'P 41'
#
loop_
_entity.id
_entity.type
_entity.pdbx_description
1 polymer RHODOPSIN
2 branched alpha-D-mannopyranose-(1-4)-2-acetamido-2-deoxy-beta-D-glucopyranose-(1-4)-2-acetamido-2-deoxy-beta-D-glucopyranose
3 branched 2-acetamido-2-deoxy-beta-D-glucopyranose-(1-4)-2-acetamido-2-deoxy-beta-D-glucopyranose
4 branched beta-D-mannopyranose-(1-3)-beta-D-mannopyranose-(1-4)-2-acetamido-2-deoxy-beta-D-glucopyranose-(1-4)-2-acetamido-2-deoxy-beta-D-glucopyranose
5 non-polymer 'nonyl beta-D-glucopyranoside'
6 non-polymer 'MERCURY (II) ION'
7 non-polymer 'ZINC ION'
8 non-polymer 'PALMITIC ACID'
9 non-polymer RETINAL
10 non-polymer HEPTANE-1,2,3-TRIOL
11 water water
#
_entity_poly.entity_id   1
_entity_poly.type   'polypeptide(L)'
_entity_poly.pdbx_seq_one_letter_code
;(ACE)MNGTEGPNFYVPFSNKTGVVRSPFEAPQYYLAEPWQFSMLAAYMFLLIMLGFPINFLTLYVTVQHKKLRTPLNYI
LLNLAVADLFMVFGGFTTTLYTSLHGYFVFGPTGCNLEGFFATLGGEIALWSLVVLAIERYVVVCKPMSNFRFGENHAIM
GVAFTWVMALACAAPPLVGWSRYIPEGMQCSCGIDYYTPHEETNNESFVIYMFVVHFIIPLIVIFFCYGQLVFTVKEAAA
QQQESATTQKAEKEVTRMVIIMVIAFLICWLPYAGVAFYIFTHQGSDFGPIFMTIPAFFAKTSAVYNPVIYIMMNKQFRN
CMVTTLCCGKNPLGDDEASTTVSKTETSQVAPA
;
_entity_poly.pdbx_strand_id   A,B
#
loop_
_chem_comp.id
_chem_comp.type
_chem_comp.name
_chem_comp.formula
ACE non-polymer 'ACETYL GROUP' 'C2 H4 O'
BMA D-saccharide, beta linking beta-D-mannopyranose 'C6 H12 O6'
BNG D-saccharide 'nonyl beta-D-glucopyranoside' 'C15 H30 O6'
HG non-polymer 'MERCURY (II) ION' 'Hg 2'
HTO non-polymer HEPTANE-1,2,3-TRIOL 'C7 H16 O3'
MAN D-saccharide, alpha linking alpha-D-mannopyranose 'C6 H12 O6'
NAG D-saccharide, beta linking 2-acetamido-2-deoxy-beta-D-glucopyranose 'C8 H15 N O6'
PLM non-polymer 'PALMITIC ACID' 'C16 H32 O2'
RET non-polymer RETINAL 'C20 H28 O'
ZN non-polymer 'ZINC ION' 'Zn 2'
#
# COMPACT_ATOMS: atom_id res chain seq x y z
C ACE A 1 -4.10 -12.69 -39.77
O ACE A 1 -4.16 -13.60 -38.95
CH3 ACE A 1 -5.00 -12.72 -41.00
N MET A 2 -3.27 -11.65 -39.67
CA MET A 2 -2.35 -11.49 -38.54
C MET A 2 -3.14 -11.17 -37.27
N ASN A 3 -2.82 -11.88 -36.20
CA ASN A 3 -3.49 -11.71 -34.93
C ASN A 3 -3.13 -10.37 -34.30
N GLY A 4 -1.93 -9.89 -34.64
CA GLY A 4 -1.49 -8.63 -34.10
C GLY A 4 -1.47 -7.59 -35.18
N THR A 5 -0.73 -6.52 -34.93
CA THR A 5 -0.60 -5.44 -35.87
C THR A 5 0.78 -4.89 -35.66
N GLU A 6 1.75 -5.40 -36.41
CA GLU A 6 3.12 -4.95 -36.26
C GLU A 6 3.40 -3.62 -36.94
N GLY A 7 3.99 -2.71 -36.19
CA GLY A 7 4.36 -1.42 -36.71
C GLY A 7 5.85 -1.48 -36.85
N PRO A 8 6.48 -0.45 -37.38
CA PRO A 8 7.94 -0.49 -37.53
C PRO A 8 8.50 0.03 -36.23
N ASN A 9 7.61 0.16 -35.27
CA ASN A 9 7.91 0.76 -33.97
C ASN A 9 7.20 0.04 -32.81
N PHE A 10 6.19 -0.75 -33.15
CA PHE A 10 5.37 -1.41 -32.14
C PHE A 10 4.77 -2.75 -32.58
N TYR A 11 3.74 -3.15 -31.84
CA TYR A 11 3.00 -4.38 -32.10
C TYR A 11 1.75 -4.40 -31.24
N VAL A 12 0.66 -3.87 -31.78
CA VAL A 12 -0.58 -3.87 -31.01
C VAL A 12 -1.20 -5.26 -31.09
N PRO A 13 -1.37 -5.90 -29.93
CA PRO A 13 -1.94 -7.24 -29.81
C PRO A 13 -3.43 -7.26 -30.13
N PHE A 14 -3.79 -6.52 -31.17
CA PHE A 14 -5.18 -6.44 -31.62
C PHE A 14 -5.13 -6.74 -33.11
N SER A 15 -6.27 -6.97 -33.72
CA SER A 15 -6.28 -7.24 -35.15
C SER A 15 -6.88 -6.09 -35.92
N ASN A 16 -6.19 -5.68 -36.99
CA ASN A 16 -6.65 -4.56 -37.80
C ASN A 16 -7.36 -4.92 -39.09
N LYS A 17 -8.23 -5.91 -39.03
CA LYS A 17 -8.98 -6.32 -40.19
C LYS A 17 -10.18 -5.39 -40.20
N THR A 18 -10.19 -4.47 -39.25
CA THR A 18 -11.28 -3.51 -39.12
C THR A 18 -10.77 -2.07 -39.21
N GLY A 19 -9.50 -1.91 -39.51
CA GLY A 19 -8.92 -0.57 -39.62
C GLY A 19 -8.85 0.25 -38.34
N VAL A 20 -9.52 -0.20 -37.29
CA VAL A 20 -9.54 0.54 -36.03
C VAL A 20 -8.20 0.59 -35.29
N VAL A 21 -7.28 -0.27 -35.67
CA VAL A 21 -5.98 -0.27 -35.01
C VAL A 21 -5.15 0.92 -35.47
N ARG A 22 -4.58 1.64 -34.50
CA ARG A 22 -3.74 2.80 -34.78
C ARG A 22 -2.61 2.93 -33.76
N SER A 23 -1.49 3.49 -34.22
CA SER A 23 -0.29 3.67 -33.41
C SER A 23 -0.47 4.13 -31.95
N PRO A 24 0.12 3.40 -30.99
CA PRO A 24 0.01 3.75 -29.57
C PRO A 24 0.86 4.99 -29.30
N PHE A 25 1.42 5.52 -30.38
CA PHE A 25 2.24 6.72 -30.33
C PHE A 25 1.50 7.90 -30.96
N GLU A 26 0.36 7.62 -31.58
CA GLU A 26 -0.42 8.68 -32.23
C GLU A 26 -1.86 8.83 -31.79
N ALA A 27 -2.44 7.81 -31.18
CA ALA A 27 -3.85 7.92 -30.80
C ALA A 27 -4.34 6.90 -29.77
N PRO A 28 -5.31 7.30 -28.91
CA PRO A 28 -5.91 6.46 -27.87
C PRO A 28 -6.22 5.03 -28.32
N GLN A 29 -5.91 4.06 -27.46
CA GLN A 29 -6.13 2.65 -27.73
C GLN A 29 -7.43 2.16 -27.12
N TYR A 30 -8.39 3.07 -27.02
CA TYR A 30 -9.69 2.78 -26.43
C TYR A 30 -10.49 1.74 -27.21
N TYR A 31 -9.88 1.15 -28.23
CA TYR A 31 -10.57 0.13 -28.99
C TYR A 31 -10.10 -1.23 -28.49
N LEU A 32 -9.00 -1.23 -27.73
CA LEU A 32 -8.44 -2.45 -27.15
C LEU A 32 -9.23 -2.81 -25.91
N ALA A 33 -9.65 -1.78 -25.17
CA ALA A 33 -10.42 -1.94 -23.94
C ALA A 33 -11.35 -0.73 -23.72
N GLU A 34 -11.93 -0.62 -22.53
CA GLU A 34 -12.82 0.49 -22.22
C GLU A 34 -12.10 1.71 -21.65
N PRO A 35 -12.60 2.91 -21.93
CA PRO A 35 -11.97 4.15 -21.43
C PRO A 35 -11.83 4.23 -19.91
N TRP A 36 -12.53 3.37 -19.17
CA TRP A 36 -12.45 3.41 -17.73
C TRP A 36 -11.28 2.60 -17.18
N GLN A 37 -10.99 1.49 -17.85
CA GLN A 37 -9.89 0.64 -17.45
C GLN A 37 -8.61 1.45 -17.54
N PHE A 38 -8.54 2.34 -18.52
CA PHE A 38 -7.38 3.19 -18.67
C PHE A 38 -7.38 4.14 -17.49
N SER A 39 -8.57 4.59 -17.09
CA SER A 39 -8.68 5.49 -15.95
C SER A 39 -8.23 4.77 -14.68
N MET A 40 -8.59 3.48 -14.59
CA MET A 40 -8.18 2.67 -13.46
C MET A 40 -6.65 2.66 -13.40
N LEU A 41 -6.03 2.37 -14.55
CA LEU A 41 -4.57 2.32 -14.65
C LEU A 41 -4.00 3.61 -14.15
N ALA A 42 -4.53 4.70 -14.71
CA ALA A 42 -4.14 6.05 -14.35
C ALA A 42 -4.30 6.27 -12.84
N ALA A 43 -5.42 5.82 -12.28
CA ALA A 43 -5.67 5.95 -10.84
C ALA A 43 -4.55 5.23 -10.13
N TYR A 44 -4.49 3.91 -10.34
CA TYR A 44 -3.45 3.07 -9.75
C TYR A 44 -2.06 3.74 -9.79
N MET A 45 -1.62 4.09 -11.00
CA MET A 45 -0.33 4.74 -11.19
C MET A 45 -0.23 5.97 -10.34
N PHE A 46 -1.30 6.76 -10.33
CA PHE A 46 -1.31 7.95 -9.51
C PHE A 46 -1.00 7.57 -8.07
N LEU A 47 -1.72 6.57 -7.55
CA LEU A 47 -1.53 6.09 -6.19
C LEU A 47 -0.10 5.62 -5.98
N LEU A 48 0.43 4.91 -6.97
CA LEU A 48 1.79 4.42 -6.89
C LEU A 48 2.77 5.58 -6.71
N ILE A 49 2.63 6.60 -7.54
CA ILE A 49 3.51 7.75 -7.43
C ILE A 49 3.30 8.38 -6.06
N MET A 50 2.03 8.52 -5.73
CA MET A 50 1.55 9.08 -4.49
C MET A 50 2.16 8.40 -3.26
N LEU A 51 2.59 7.16 -3.46
CA LEU A 51 3.14 6.38 -2.36
C LEU A 51 4.62 6.09 -2.51
N GLY A 52 5.03 5.69 -3.72
CA GLY A 52 6.42 5.38 -3.99
C GLY A 52 7.34 6.55 -3.70
N PHE A 53 6.79 7.76 -3.80
CA PHE A 53 7.58 8.94 -3.51
C PHE A 53 7.90 9.09 -2.02
N PRO A 54 6.87 9.41 -1.20
CA PRO A 54 7.14 9.57 0.24
C PRO A 54 7.91 8.42 0.90
N ILE A 55 7.46 7.19 0.70
CA ILE A 55 8.13 6.03 1.30
C ILE A 55 9.60 5.91 0.93
N ASN A 56 9.90 6.01 -0.36
CA ASN A 56 11.26 5.90 -0.81
C ASN A 56 12.09 7.11 -0.40
N PHE A 57 11.47 8.28 -0.35
CA PHE A 57 12.18 9.47 0.04
C PHE A 57 12.49 9.48 1.53
N LEU A 58 11.48 9.12 2.32
CA LEU A 58 11.63 9.08 3.77
C LEU A 58 12.80 8.16 4.08
N THR A 59 12.80 6.98 3.46
CA THR A 59 13.87 6.02 3.65
C THR A 59 15.21 6.69 3.38
N LEU A 60 15.27 7.44 2.28
CA LEU A 60 16.48 8.14 1.90
C LEU A 60 16.94 9.09 3.00
N TYR A 61 16.05 10.01 3.35
CA TYR A 61 16.32 11.00 4.38
C TYR A 61 16.71 10.34 5.71
N VAL A 62 16.04 9.26 6.07
CA VAL A 62 16.42 8.64 7.32
C VAL A 62 17.87 8.16 7.20
N THR A 63 18.07 7.15 6.35
CA THR A 63 19.40 6.56 6.14
C THR A 63 20.57 7.57 6.20
N VAL A 64 20.45 8.69 5.46
CA VAL A 64 21.54 9.64 5.48
C VAL A 64 21.60 10.49 6.75
N GLN A 65 20.45 10.90 7.25
CA GLN A 65 20.42 11.74 8.44
C GLN A 65 20.97 11.06 9.68
N HIS A 66 20.96 9.74 9.69
CA HIS A 66 21.48 8.94 10.81
C HIS A 66 22.83 8.37 10.43
N LYS A 67 23.87 9.12 10.77
CA LYS A 67 25.25 8.78 10.44
C LYS A 67 25.80 7.35 10.63
N LYS A 68 25.20 6.57 11.52
CA LYS A 68 25.71 5.23 11.75
C LYS A 68 25.04 4.21 10.84
N LEU A 69 23.88 4.56 10.29
CA LEU A 69 23.16 3.66 9.38
C LEU A 69 24.01 3.48 8.10
N ARG A 70 25.09 2.70 8.22
CA ARG A 70 26.01 2.45 7.13
C ARG A 70 26.34 0.99 6.89
N THR A 71 25.57 0.09 7.47
CA THR A 71 25.81 -1.33 7.27
C THR A 71 25.53 -1.61 5.78
N PRO A 72 26.12 -2.68 5.21
CA PRO A 72 25.84 -2.95 3.79
C PRO A 72 24.33 -2.83 3.54
N LEU A 73 23.56 -3.61 4.30
CA LEU A 73 22.10 -3.58 4.22
C LEU A 73 21.56 -2.16 4.08
N ASN A 74 22.03 -1.26 4.93
CA ASN A 74 21.59 0.14 4.92
C ASN A 74 21.97 0.75 3.58
N TYR A 75 23.18 0.43 3.13
CA TYR A 75 23.63 0.94 1.85
C TYR A 75 22.71 0.52 0.73
N ILE A 76 22.54 -0.80 0.63
CA ILE A 76 21.68 -1.41 -0.38
C ILE A 76 20.34 -0.72 -0.40
N LEU A 77 19.71 -0.65 0.78
CA LEU A 77 18.41 -0.02 0.85
C LEU A 77 18.36 1.47 0.47
N LEU A 78 19.43 2.21 0.77
CA LEU A 78 19.44 3.60 0.36
C LEU A 78 19.41 3.55 -1.16
N ASN A 79 20.22 2.63 -1.69
CA ASN A 79 20.31 2.40 -3.12
C ASN A 79 18.91 2.16 -3.67
N LEU A 80 18.24 1.11 -3.20
CA LEU A 80 16.89 0.81 -3.66
C LEU A 80 15.98 2.04 -3.58
N ALA A 81 16.07 2.79 -2.48
CA ALA A 81 15.25 3.98 -2.31
C ALA A 81 15.48 4.94 -3.48
N VAL A 82 16.73 5.10 -3.88
CA VAL A 82 17.04 5.97 -5.00
C VAL A 82 16.44 5.39 -6.32
N ALA A 83 16.88 4.18 -6.69
CA ALA A 83 16.39 3.52 -7.90
C ALA A 83 14.85 3.57 -7.93
N ASP A 84 14.23 3.48 -6.76
CA ASP A 84 12.77 3.56 -6.68
C ASP A 84 12.32 4.97 -7.06
N LEU A 85 12.98 5.98 -6.50
CA LEU A 85 12.64 7.37 -6.81
C LEU A 85 12.79 7.64 -8.30
N PHE A 86 13.81 7.04 -8.92
CA PHE A 86 14.02 7.21 -10.36
C PHE A 86 12.82 6.66 -11.10
N MET A 87 12.41 5.45 -10.74
CA MET A 87 11.26 4.82 -11.36
C MET A 87 10.11 5.82 -11.31
N VAL A 88 9.81 6.26 -10.10
CA VAL A 88 8.72 7.20 -9.85
C VAL A 88 8.67 8.42 -10.76
N PHE A 89 9.75 9.16 -10.83
CA PHE A 89 9.74 10.34 -11.67
C PHE A 89 10.04 9.99 -13.12
N GLY A 90 11.13 9.25 -13.30
CA GLY A 90 11.55 8.86 -14.62
C GLY A 90 10.46 8.22 -15.48
N GLY A 91 10.03 7.02 -15.10
CA GLY A 91 9.02 6.34 -15.90
C GLY A 91 7.58 6.44 -15.44
N PHE A 92 7.36 6.30 -14.13
CA PHE A 92 6.01 6.34 -13.57
C PHE A 92 5.22 7.57 -13.96
N THR A 93 5.93 8.66 -14.19
CA THR A 93 5.30 9.89 -14.61
C THR A 93 4.78 9.74 -16.03
N THR A 94 5.60 9.15 -16.90
CA THR A 94 5.20 8.95 -18.29
C THR A 94 4.09 7.90 -18.38
N THR A 95 4.15 6.87 -17.52
CA THR A 95 3.15 5.82 -17.55
C THR A 95 1.80 6.28 -17.00
N LEU A 96 1.83 7.19 -16.03
CA LEU A 96 0.57 7.73 -15.49
C LEU A 96 -0.09 8.53 -16.59
N TYR A 97 0.73 9.31 -17.25
CA TYR A 97 0.33 10.15 -18.32
C TYR A 97 -0.16 9.46 -19.56
N THR A 98 0.61 8.45 -19.94
CA THR A 98 0.30 7.62 -21.07
C THR A 98 -1.11 7.06 -20.83
N SER A 99 -1.35 6.56 -19.63
CA SER A 99 -2.65 6.01 -19.27
C SER A 99 -3.75 7.07 -19.41
N LEU A 100 -3.48 8.26 -18.85
CA LEU A 100 -4.43 9.36 -18.89
C LEU A 100 -4.87 9.67 -20.30
N HIS A 101 -3.95 9.60 -21.26
CA HIS A 101 -4.30 9.89 -22.63
C HIS A 101 -4.73 8.69 -23.47
N GLY A 102 -4.37 7.49 -23.02
CA GLY A 102 -4.73 6.28 -23.76
C GLY A 102 -3.69 5.81 -24.75
N TYR A 103 -2.48 6.38 -24.70
CA TYR A 103 -1.39 6.01 -25.60
C TYR A 103 -0.17 6.87 -25.25
N PHE A 104 0.98 6.49 -25.80
CA PHE A 104 2.22 7.22 -25.59
C PHE A 104 2.27 8.55 -26.33
N VAL A 105 1.56 9.54 -25.78
CA VAL A 105 1.50 10.88 -26.35
C VAL A 105 2.92 11.43 -26.50
N PHE A 106 3.82 11.03 -25.61
CA PHE A 106 5.19 11.54 -25.66
C PHE A 106 6.08 10.78 -26.64
N GLY A 107 5.44 10.02 -27.51
CA GLY A 107 6.18 9.26 -28.49
C GLY A 107 7.07 8.17 -27.93
N PRO A 108 8.02 7.68 -28.74
CA PRO A 108 8.97 6.63 -28.37
C PRO A 108 9.86 6.99 -27.18
N THR A 109 10.02 8.29 -26.91
CA THR A 109 10.84 8.70 -25.78
C THR A 109 10.08 8.36 -24.51
N GLY A 110 8.78 8.65 -24.51
CA GLY A 110 7.95 8.35 -23.36
C GLY A 110 8.01 6.87 -23.11
N CYS A 111 7.93 6.11 -24.19
CA CYS A 111 8.02 4.66 -24.16
C CYS A 111 9.38 4.26 -23.57
N ASN A 112 10.39 5.06 -23.87
CA ASN A 112 11.72 4.78 -23.38
C ASN A 112 11.89 5.12 -21.93
N LEU A 113 11.35 6.26 -21.52
CA LEU A 113 11.45 6.69 -20.14
C LEU A 113 10.71 5.67 -19.31
N GLU A 114 9.52 5.34 -19.81
CA GLU A 114 8.61 4.37 -19.18
C GLU A 114 9.23 2.99 -19.09
N GLY A 115 9.75 2.48 -20.19
CA GLY A 115 10.38 1.18 -20.19
C GLY A 115 11.71 1.13 -19.48
N PHE A 116 12.60 2.08 -19.80
CA PHE A 116 13.95 2.14 -19.21
C PHE A 116 14.02 2.16 -17.70
N PHE A 117 13.50 3.22 -17.11
CA PHE A 117 13.54 3.36 -15.67
C PHE A 117 12.90 2.23 -14.92
N ALA A 118 11.92 1.58 -15.54
CA ALA A 118 11.25 0.45 -14.90
C ALA A 118 12.19 -0.74 -14.86
N THR A 119 12.94 -0.91 -15.96
CA THR A 119 13.89 -2.02 -16.08
C THR A 119 15.13 -1.68 -15.24
N LEU A 120 15.52 -0.42 -15.26
CA LEU A 120 16.67 0.06 -14.49
C LEU A 120 16.36 -0.19 -13.02
N GLY A 121 15.12 0.09 -12.65
CA GLY A 121 14.69 -0.09 -11.28
C GLY A 121 14.62 -1.56 -10.90
N GLY A 122 13.97 -2.36 -11.74
CA GLY A 122 13.85 -3.77 -11.45
C GLY A 122 15.17 -4.52 -11.34
N GLU A 123 16.09 -4.24 -12.26
CA GLU A 123 17.38 -4.92 -12.25
C GLU A 123 18.24 -4.50 -11.06
N ILE A 124 18.25 -3.22 -10.74
CA ILE A 124 19.03 -2.77 -9.58
C ILE A 124 18.56 -3.61 -8.38
N ALA A 125 17.25 -3.82 -8.32
CA ALA A 125 16.64 -4.59 -7.25
C ALA A 125 17.23 -6.00 -7.25
N LEU A 126 17.17 -6.67 -8.40
CA LEU A 126 17.70 -8.04 -8.51
C LEU A 126 19.19 -8.14 -8.16
N TRP A 127 20.02 -7.33 -8.84
CA TRP A 127 21.44 -7.34 -8.59
C TRP A 127 21.77 -7.02 -7.14
N SER A 128 21.00 -6.12 -6.52
CA SER A 128 21.25 -5.79 -5.13
C SER A 128 21.03 -7.07 -4.35
N LEU A 129 20.00 -7.80 -4.74
CA LEU A 129 19.67 -9.07 -4.09
C LEU A 129 20.83 -10.05 -4.10
N VAL A 130 21.70 -9.95 -5.10
CA VAL A 130 22.86 -10.83 -5.18
C VAL A 130 23.94 -10.30 -4.23
N VAL A 131 24.12 -8.98 -4.24
CA VAL A 131 25.09 -8.33 -3.35
C VAL A 131 24.76 -8.70 -1.92
N LEU A 132 23.47 -8.72 -1.60
CA LEU A 132 23.05 -9.07 -0.26
C LEU A 132 23.32 -10.55 -0.01
N ALA A 133 22.82 -11.39 -0.91
CA ALA A 133 23.01 -12.83 -0.79
C ALA A 133 24.43 -13.12 -0.35
N ILE A 134 25.39 -12.48 -1.01
CA ILE A 134 26.81 -12.65 -0.69
C ILE A 134 27.15 -12.08 0.67
N GLU A 135 26.94 -10.77 0.82
CA GLU A 135 27.23 -10.11 2.08
C GLU A 135 26.78 -11.04 3.21
N ARG A 136 25.59 -11.58 3.05
CA ARG A 136 24.99 -12.49 4.01
C ARG A 136 25.79 -13.78 4.20
N TYR A 137 26.04 -14.46 3.09
CA TYR A 137 26.79 -15.70 3.11
C TYR A 137 28.09 -15.53 3.89
N VAL A 138 28.68 -14.35 3.77
CA VAL A 138 29.94 -14.05 4.45
C VAL A 138 29.76 -13.83 5.95
N VAL A 139 28.83 -12.95 6.31
CA VAL A 139 28.60 -12.66 7.71
C VAL A 139 27.95 -13.81 8.46
N VAL A 140 27.53 -14.85 7.76
CA VAL A 140 26.90 -15.98 8.44
C VAL A 140 27.73 -17.25 8.38
N CYS A 141 28.34 -17.50 7.23
CA CYS A 141 29.17 -18.68 7.10
C CYS A 141 30.62 -18.26 7.34
N LYS A 142 30.77 -17.00 7.73
CA LYS A 142 32.07 -16.40 8.04
C LYS A 142 33.33 -17.01 7.44
N PRO A 143 33.48 -16.90 6.11
CA PRO A 143 34.63 -17.40 5.35
C PRO A 143 36.01 -16.96 5.82
N MET A 144 36.27 -15.66 5.78
CA MET A 144 37.58 -15.17 6.21
C MET A 144 37.71 -14.97 7.73
N SER A 145 38.73 -15.62 8.30
CA SER A 145 39.01 -15.57 9.73
C SER A 145 38.83 -14.16 10.27
N ASN A 146 39.34 -13.19 9.53
CA ASN A 146 39.24 -11.79 9.94
C ASN A 146 38.52 -11.02 8.86
N PHE A 147 37.23 -10.84 9.03
CA PHE A 147 36.46 -10.08 8.05
C PHE A 147 35.12 -9.57 8.57
N ARG A 148 34.68 -8.48 7.97
CA ARG A 148 33.44 -7.81 8.32
C ARG A 148 33.38 -6.69 7.30
N PHE A 149 32.40 -6.78 6.41
CA PHE A 149 32.25 -5.76 5.39
C PHE A 149 32.31 -4.34 5.94
N GLY A 150 32.68 -3.40 5.08
CA GLY A 150 32.76 -2.01 5.47
C GLY A 150 32.09 -1.19 4.40
N GLU A 151 31.97 0.11 4.62
CA GLU A 151 31.34 0.97 3.64
C GLU A 151 32.15 0.89 2.38
N ASN A 152 33.44 0.60 2.53
CA ASN A 152 34.21 0.55 1.31
C ASN A 152 33.71 -0.59 0.41
N HIS A 153 33.35 -1.74 0.99
CA HIS A 153 32.82 -2.85 0.20
C HIS A 153 31.36 -2.57 -0.17
N ALA A 154 30.63 -2.00 0.79
CA ALA A 154 29.21 -1.68 0.59
C ALA A 154 29.02 -0.80 -0.65
N ILE A 155 29.89 0.18 -0.81
CA ILE A 155 29.82 1.08 -1.96
C ILE A 155 30.17 0.32 -3.24
N MET A 156 31.02 -0.69 -3.11
CA MET A 156 31.37 -1.53 -4.24
C MET A 156 30.12 -2.23 -4.75
N GLY A 157 29.42 -2.93 -3.86
CA GLY A 157 28.21 -3.62 -4.24
C GLY A 157 27.16 -2.73 -4.89
N VAL A 158 26.97 -1.53 -4.35
CA VAL A 158 26.00 -0.59 -4.89
C VAL A 158 26.39 -0.17 -6.29
N ALA A 159 27.66 0.18 -6.47
CA ALA A 159 28.17 0.60 -7.76
C ALA A 159 27.96 -0.53 -8.77
N PHE A 160 28.18 -1.74 -8.27
CA PHE A 160 28.04 -2.96 -9.05
C PHE A 160 26.61 -3.18 -9.55
N THR A 161 25.63 -2.99 -8.67
CA THR A 161 24.25 -3.18 -9.07
C THR A 161 23.85 -2.21 -10.17
N TRP A 162 24.43 -1.02 -10.15
CA TRP A 162 24.12 -0.05 -11.18
C TRP A 162 24.72 -0.46 -12.51
N VAL A 163 25.94 -0.98 -12.48
CA VAL A 163 26.62 -1.42 -13.69
C VAL A 163 25.83 -2.58 -14.28
N MET A 164 25.57 -3.59 -13.46
CA MET A 164 24.82 -4.75 -13.89
C MET A 164 23.46 -4.36 -14.41
N ALA A 165 22.81 -3.45 -13.70
CA ALA A 165 21.48 -2.95 -14.09
C ALA A 165 21.52 -2.26 -15.43
N LEU A 166 22.45 -1.32 -15.57
CA LEU A 166 22.61 -0.60 -16.82
C LEU A 166 22.96 -1.59 -17.92
N ALA A 167 23.80 -2.57 -17.56
CA ALA A 167 24.20 -3.61 -18.51
C ALA A 167 22.97 -4.23 -19.15
N CYS A 168 21.84 -4.21 -18.44
CA CYS A 168 20.61 -4.76 -18.95
C CYS A 168 19.67 -3.69 -19.52
N ALA A 169 19.46 -2.61 -18.78
CA ALA A 169 18.52 -1.60 -19.23
C ALA A 169 18.99 -0.60 -20.27
N ALA A 170 20.29 -0.39 -20.38
CA ALA A 170 20.81 0.60 -21.35
C ALA A 170 20.81 0.19 -22.83
N PRO A 171 21.19 -1.06 -23.13
CA PRO A 171 21.23 -1.55 -24.51
C PRO A 171 20.05 -1.21 -25.44
N PRO A 172 18.82 -1.40 -24.97
CA PRO A 172 17.67 -1.10 -25.83
C PRO A 172 17.52 0.37 -26.25
N LEU A 173 18.35 1.22 -25.66
CA LEU A 173 18.33 2.67 -25.94
C LEU A 173 19.36 3.02 -27.00
N VAL A 174 20.29 2.09 -27.21
CA VAL A 174 21.35 2.31 -28.17
C VAL A 174 21.54 1.21 -29.23
N GLY A 175 20.47 0.51 -29.60
CA GLY A 175 20.60 -0.50 -30.65
C GLY A 175 20.35 -1.96 -30.40
N TRP A 176 20.44 -2.42 -29.16
CA TRP A 176 20.21 -3.83 -28.90
C TRP A 176 18.84 -4.01 -28.27
N SER A 177 17.89 -4.49 -29.08
CA SER A 177 16.50 -4.66 -28.68
C SER A 177 15.95 -3.25 -28.52
N ARG A 178 14.71 -3.12 -28.07
CA ARG A 178 14.11 -1.79 -27.91
C ARG A 178 12.96 -1.81 -26.91
N TYR A 179 12.56 -0.62 -26.45
CA TYR A 179 11.43 -0.52 -25.51
C TYR A 179 10.21 -0.30 -26.37
N ILE A 180 9.19 -1.13 -26.15
CA ILE A 180 7.97 -1.08 -26.95
C ILE A 180 6.72 -1.24 -26.08
N PRO A 181 5.70 -0.40 -26.33
CA PRO A 181 4.46 -0.44 -25.54
C PRO A 181 3.87 -1.85 -25.38
N GLU A 182 3.36 -2.12 -24.18
CA GLU A 182 2.81 -3.42 -23.87
C GLU A 182 1.36 -3.37 -23.35
N GLY A 183 0.66 -4.50 -23.49
CA GLY A 183 -0.70 -4.61 -23.03
C GLY A 183 -1.66 -3.65 -23.69
N MET A 184 -2.13 -2.66 -22.95
CA MET A 184 -3.04 -1.64 -23.48
C MET A 184 -2.19 -0.47 -23.97
N GLN A 185 -0.93 -0.80 -24.25
CA GLN A 185 0.05 0.14 -24.75
C GLN A 185 0.34 1.32 -23.82
N CYS A 186 0.23 1.12 -22.51
CA CYS A 186 0.49 2.23 -21.61
C CYS A 186 1.77 2.14 -20.80
N SER A 187 2.50 1.04 -20.99
CA SER A 187 3.77 0.83 -20.33
C SER A 187 4.67 0.34 -21.46
N CYS A 188 5.98 0.33 -21.23
CA CYS A 188 6.89 -0.11 -22.29
C CYS A 188 7.92 -1.11 -21.78
N GLY A 189 8.16 -2.15 -22.57
CA GLY A 189 9.11 -3.19 -22.20
C GLY A 189 9.97 -3.67 -23.34
N ILE A 190 10.74 -4.73 -23.12
CA ILE A 190 11.62 -5.27 -24.17
C ILE A 190 10.82 -5.95 -25.26
N ASP A 191 11.29 -5.84 -26.50
CA ASP A 191 10.57 -6.43 -27.60
C ASP A 191 10.68 -7.95 -27.68
N TYR A 192 9.57 -8.63 -27.40
CA TYR A 192 9.51 -10.10 -27.45
C TYR A 192 8.59 -10.46 -28.58
N TYR A 193 7.70 -9.51 -28.86
CA TYR A 193 6.66 -9.62 -29.88
C TYR A 193 7.10 -9.79 -31.32
N THR A 194 8.19 -9.12 -31.69
CA THR A 194 8.68 -9.18 -33.05
C THR A 194 10.14 -9.63 -33.12
N PRO A 195 10.52 -10.30 -34.22
CA PRO A 195 11.88 -10.80 -34.42
C PRO A 195 12.81 -9.63 -34.75
N HIS A 196 12.28 -8.71 -35.57
CA HIS A 196 13.01 -7.52 -36.04
C HIS A 196 14.51 -7.82 -36.08
N GLU A 197 14.93 -8.44 -37.17
CA GLU A 197 16.34 -8.77 -37.33
C GLU A 197 17.19 -7.53 -37.13
N GLU A 198 16.69 -6.43 -37.67
CA GLU A 198 17.38 -5.14 -37.63
C GLU A 198 17.71 -4.54 -36.26
N THR A 199 17.38 -5.25 -35.18
CA THR A 199 17.65 -4.73 -33.83
C THR A 199 18.14 -5.87 -32.92
N ASN A 200 18.04 -7.09 -33.42
CA ASN A 200 18.47 -8.29 -32.71
C ASN A 200 17.72 -8.53 -31.43
N ASN A 201 16.39 -8.62 -31.52
CA ASN A 201 15.61 -8.85 -30.33
C ASN A 201 15.89 -10.26 -29.82
N GLU A 202 15.74 -11.25 -30.70
CA GLU A 202 15.97 -12.65 -30.33
C GLU A 202 17.22 -12.85 -29.45
N SER A 203 18.33 -12.19 -29.82
CA SER A 203 19.58 -12.31 -29.07
C SER A 203 19.58 -11.64 -27.71
N PHE A 204 19.15 -10.37 -27.68
CA PHE A 204 19.09 -9.62 -26.43
C PHE A 204 18.15 -10.32 -25.43
N VAL A 205 16.95 -10.67 -25.84
CA VAL A 205 16.02 -11.32 -24.94
C VAL A 205 16.68 -12.54 -24.29
N ILE A 206 17.29 -13.38 -25.12
CA ILE A 206 17.95 -14.56 -24.60
C ILE A 206 18.99 -14.09 -23.62
N TYR A 207 19.72 -13.06 -24.01
CA TYR A 207 20.76 -12.48 -23.17
C TYR A 207 20.22 -12.05 -21.80
N MET A 208 19.16 -11.24 -21.83
CA MET A 208 18.54 -10.73 -20.63
C MET A 208 18.05 -11.85 -19.73
N PHE A 209 17.26 -12.75 -20.29
CA PHE A 209 16.72 -13.85 -19.51
C PHE A 209 17.77 -14.71 -18.85
N VAL A 210 18.92 -14.84 -19.49
CA VAL A 210 20.01 -15.64 -18.92
C VAL A 210 20.84 -14.81 -17.96
N VAL A 211 21.56 -13.84 -18.52
CA VAL A 211 22.44 -12.97 -17.75
C VAL A 211 21.72 -12.15 -16.68
N HIS A 212 20.57 -11.60 -17.04
CA HIS A 212 19.86 -10.77 -16.12
C HIS A 212 18.60 -11.33 -15.44
N PHE A 213 18.56 -12.64 -15.28
CA PHE A 213 17.42 -13.26 -14.61
C PHE A 213 17.75 -14.65 -14.09
N ILE A 214 18.05 -15.56 -15.00
CA ILE A 214 18.37 -16.91 -14.59
C ILE A 214 19.59 -16.92 -13.65
N ILE A 215 20.74 -16.51 -14.18
CA ILE A 215 21.97 -16.51 -13.40
C ILE A 215 21.83 -15.90 -12.01
N PRO A 216 21.51 -14.61 -11.91
CA PRO A 216 21.37 -14.02 -10.58
C PRO A 216 20.51 -14.89 -9.65
N LEU A 217 19.43 -15.46 -10.18
CA LEU A 217 18.55 -16.31 -9.39
C LEU A 217 19.25 -17.57 -8.90
N ILE A 218 20.00 -18.21 -9.80
CA ILE A 218 20.75 -19.41 -9.45
C ILE A 218 21.64 -19.02 -8.27
N VAL A 219 22.42 -17.97 -8.48
CA VAL A 219 23.34 -17.45 -7.48
C VAL A 219 22.64 -17.23 -6.15
N ILE A 220 21.57 -16.45 -6.17
CA ILE A 220 20.84 -16.14 -4.96
C ILE A 220 20.23 -17.37 -4.29
N PHE A 221 19.68 -18.26 -5.11
CA PHE A 221 19.07 -19.47 -4.60
C PHE A 221 20.09 -20.41 -4.01
N PHE A 222 21.19 -20.58 -4.74
CA PHE A 222 22.27 -21.43 -4.30
C PHE A 222 22.83 -20.92 -2.98
N CYS A 223 23.29 -19.67 -2.95
CA CYS A 223 23.82 -19.06 -1.73
C CYS A 223 22.83 -19.27 -0.59
N TYR A 224 21.56 -19.40 -0.93
CA TYR A 224 20.55 -19.61 0.08
C TYR A 224 20.67 -21.05 0.55
N GLY A 225 20.89 -21.96 -0.40
CA GLY A 225 21.02 -23.36 -0.06
C GLY A 225 22.19 -23.63 0.87
N GLN A 226 23.13 -22.69 0.92
CA GLN A 226 24.31 -22.81 1.78
C GLN A 226 23.96 -22.32 3.19
N LEU A 227 23.30 -21.17 3.25
CA LEU A 227 22.89 -20.56 4.50
C LEU A 227 21.61 -21.15 5.05
N VAL A 228 21.23 -22.33 4.60
CA VAL A 228 20.03 -22.94 5.13
C VAL A 228 20.51 -23.89 6.24
N PHE A 229 21.76 -23.67 6.69
CA PHE A 229 22.37 -24.46 7.75
C PHE A 229 22.76 -23.61 8.95
N THR A 230 23.56 -22.56 8.71
CA THR A 230 24.00 -21.68 9.80
C THR A 230 22.83 -20.84 10.35
N VAL A 231 22.13 -20.14 9.45
CA VAL A 231 20.96 -19.34 9.81
C VAL A 231 19.79 -20.06 9.14
N LYS A 232 19.50 -21.25 9.66
CA LYS A 232 18.47 -22.15 9.16
C LYS A 232 17.09 -21.59 8.75
N GLU A 233 16.34 -20.96 9.67
CA GLU A 233 15.02 -20.40 9.33
C GLU A 233 14.18 -19.59 10.35
N ALA A 234 13.98 -20.11 11.56
CA ALA A 234 13.15 -19.42 12.58
C ALA A 234 13.54 -17.96 12.92
N ALA A 235 12.96 -17.43 14.01
CA ALA A 235 13.24 -16.06 14.46
C ALA A 235 12.41 -15.64 15.70
N ALA A 236 12.80 -14.51 16.28
CA ALA A 236 12.13 -13.95 17.45
C ALA A 236 12.49 -12.47 17.60
N ALA A 242 27.15 -15.74 19.93
CA ALA A 242 26.92 -14.60 20.81
C ALA A 242 25.44 -14.19 20.81
N THR A 243 25.16 -13.01 21.37
CA THR A 243 23.80 -12.47 21.40
C THR A 243 23.62 -11.66 20.11
N THR A 244 24.74 -11.50 19.40
CA THR A 244 24.81 -10.78 18.14
C THR A 244 24.30 -11.74 17.06
N GLN A 245 24.22 -13.02 17.44
CA GLN A 245 23.74 -14.07 16.57
C GLN A 245 22.32 -13.75 16.14
N LYS A 246 21.52 -13.25 17.09
CA LYS A 246 20.13 -12.91 16.87
C LYS A 246 19.89 -11.67 16.01
N ALA A 247 20.95 -10.94 15.70
CA ALA A 247 20.82 -9.75 14.87
C ALA A 247 20.93 -10.15 13.40
N GLU A 248 22.04 -10.80 13.07
CA GLU A 248 22.29 -11.24 11.71
C GLU A 248 21.24 -12.22 11.20
N LYS A 249 20.73 -13.04 12.09
CA LYS A 249 19.74 -14.04 11.73
C LYS A 249 18.39 -13.45 11.42
N GLU A 250 18.17 -12.25 11.93
CA GLU A 250 16.94 -11.52 11.75
C GLU A 250 17.05 -10.75 10.44
N VAL A 251 18.26 -10.29 10.15
CA VAL A 251 18.52 -9.55 8.91
C VAL A 251 18.27 -10.53 7.78
N THR A 252 18.90 -11.68 7.88
CA THR A 252 18.75 -12.73 6.88
C THR A 252 17.27 -12.94 6.58
N ARG A 253 16.49 -13.21 7.63
CA ARG A 253 15.07 -13.44 7.46
C ARG A 253 14.48 -12.36 6.58
N MET A 254 14.90 -11.11 6.79
CA MET A 254 14.37 -10.02 5.98
C MET A 254 14.81 -10.25 4.55
N VAL A 255 16.12 -10.28 4.36
CA VAL A 255 16.70 -10.54 3.06
C VAL A 255 15.93 -11.65 2.35
N ILE A 256 15.71 -12.76 3.04
CA ILE A 256 14.96 -13.89 2.47
C ILE A 256 13.57 -13.42 1.97
N ILE A 257 12.85 -12.72 2.83
CA ILE A 257 11.52 -12.22 2.48
C ILE A 257 11.61 -11.35 1.24
N MET A 258 12.55 -10.43 1.28
CA MET A 258 12.77 -9.51 0.18
C MET A 258 12.83 -10.27 -1.15
N VAL A 259 13.53 -11.40 -1.13
CA VAL A 259 13.68 -12.23 -2.31
C VAL A 259 12.34 -12.79 -2.77
N ILE A 260 11.53 -13.25 -1.83
CA ILE A 260 10.24 -13.80 -2.16
C ILE A 260 9.40 -12.68 -2.74
N ALA A 261 9.53 -11.52 -2.13
CA ALA A 261 8.77 -10.36 -2.56
C ALA A 261 9.12 -10.03 -3.99
N PHE A 262 10.39 -10.19 -4.34
CA PHE A 262 10.85 -9.90 -5.68
C PHE A 262 10.20 -10.82 -6.68
N LEU A 263 10.16 -12.11 -6.34
CA LEU A 263 9.58 -13.10 -7.22
C LEU A 263 8.12 -12.81 -7.50
N ILE A 264 7.34 -12.66 -6.44
CA ILE A 264 5.93 -12.37 -6.61
C ILE A 264 5.77 -11.16 -7.54
N CYS A 265 6.67 -10.19 -7.43
CA CYS A 265 6.57 -9.00 -8.25
C CYS A 265 7.05 -9.17 -9.70
N TRP A 266 7.80 -10.21 -9.99
CA TRP A 266 8.33 -10.37 -11.35
C TRP A 266 8.12 -11.65 -12.13
N LEU A 267 7.94 -12.77 -11.45
CA LEU A 267 7.74 -14.03 -12.16
C LEU A 267 6.51 -14.01 -13.04
N PRO A 268 5.37 -13.54 -12.50
CA PRO A 268 4.16 -13.49 -13.32
C PRO A 268 4.41 -12.70 -14.62
N TYR A 269 5.17 -11.61 -14.51
CA TYR A 269 5.50 -10.78 -15.67
C TYR A 269 6.51 -11.51 -16.55
N ALA A 270 7.68 -11.80 -15.97
CA ALA A 270 8.75 -12.49 -16.69
C ALA A 270 8.21 -13.71 -17.44
N GLY A 271 7.29 -14.43 -16.80
CA GLY A 271 6.69 -15.59 -17.44
C GLY A 271 5.89 -15.16 -18.66
N VAL A 272 4.95 -14.22 -18.48
CA VAL A 272 4.15 -13.74 -19.60
C VAL A 272 5.09 -13.28 -20.70
N ALA A 273 6.15 -12.57 -20.33
CA ALA A 273 7.12 -12.10 -21.32
C ALA A 273 7.75 -13.29 -22.05
N PHE A 274 8.25 -14.26 -21.30
CA PHE A 274 8.86 -15.41 -21.93
C PHE A 274 7.88 -16.11 -22.86
N TYR A 275 6.65 -16.26 -22.38
CA TYR A 275 5.62 -16.90 -23.18
C TYR A 275 5.61 -16.26 -24.57
N ILE A 276 5.17 -15.01 -24.61
CA ILE A 276 5.10 -14.22 -25.83
C ILE A 276 6.32 -14.45 -26.72
N PHE A 277 7.51 -14.24 -26.17
CA PHE A 277 8.75 -14.39 -26.91
C PHE A 277 8.76 -15.69 -27.72
N THR A 278 8.28 -16.76 -27.11
CA THR A 278 8.26 -18.07 -27.76
C THR A 278 6.92 -18.39 -28.43
N HIS A 279 6.06 -17.38 -28.58
CA HIS A 279 4.76 -17.54 -29.23
C HIS A 279 4.38 -16.22 -29.88
N GLN A 280 5.33 -15.59 -30.56
CA GLN A 280 5.08 -14.30 -31.23
C GLN A 280 4.02 -14.49 -32.31
N GLY A 281 3.22 -13.46 -32.56
CA GLY A 281 2.20 -13.55 -33.60
C GLY A 281 0.97 -14.35 -33.24
N SER A 282 1.01 -15.06 -32.12
CA SER A 282 -0.13 -15.85 -31.67
C SER A 282 -1.22 -14.89 -31.23
N ASP A 283 -2.33 -15.44 -30.74
CA ASP A 283 -3.46 -14.61 -30.33
C ASP A 283 -3.65 -14.30 -28.85
N PHE A 284 -3.02 -13.23 -28.38
CA PHE A 284 -3.15 -12.80 -27.00
C PHE A 284 -3.70 -11.38 -27.04
N GLY A 285 -4.47 -11.00 -26.04
CA GLY A 285 -5.04 -9.67 -26.03
C GLY A 285 -4.23 -8.66 -25.26
N PRO A 286 -4.74 -7.44 -25.15
CA PRO A 286 -4.07 -6.35 -24.42
C PRO A 286 -3.97 -6.58 -22.93
N ILE A 287 -5.06 -7.01 -22.32
CA ILE A 287 -5.06 -7.26 -20.88
C ILE A 287 -4.06 -8.34 -20.48
N PHE A 288 -3.81 -9.28 -21.40
CA PHE A 288 -2.87 -10.36 -21.13
C PHE A 288 -1.53 -9.92 -20.51
N MET A 289 -1.06 -8.70 -20.80
CA MET A 289 0.22 -8.29 -20.21
C MET A 289 0.10 -7.13 -19.24
N THR A 290 -0.93 -6.31 -19.45
CA THR A 290 -1.15 -5.13 -18.63
C THR A 290 -1.07 -5.44 -17.13
N ILE A 291 -1.76 -6.51 -16.71
CA ILE A 291 -1.80 -6.88 -15.30
C ILE A 291 -0.45 -7.28 -14.64
N PRO A 292 0.25 -8.31 -15.16
CA PRO A 292 1.52 -8.65 -14.51
C PRO A 292 2.49 -7.47 -14.64
N ALA A 293 2.34 -6.75 -15.73
CA ALA A 293 3.19 -5.62 -16.00
C ALA A 293 2.95 -4.45 -15.04
N PHE A 294 1.68 -4.13 -14.78
CA PHE A 294 1.43 -3.02 -13.88
C PHE A 294 1.54 -3.41 -12.44
N PHE A 295 1.13 -4.64 -12.12
CA PHE A 295 1.25 -5.11 -10.75
C PHE A 295 2.73 -5.02 -10.42
N ALA A 296 3.54 -5.54 -11.35
CA ALA A 296 4.98 -5.56 -11.25
C ALA A 296 5.51 -4.22 -10.77
N LYS A 297 4.82 -3.15 -11.18
CA LYS A 297 5.22 -1.81 -10.81
C LYS A 297 5.17 -1.51 -9.33
N THR A 298 4.80 -2.49 -8.51
CA THR A 298 4.79 -2.25 -7.08
C THR A 298 6.25 -2.35 -6.59
N SER A 299 7.09 -2.87 -7.46
CA SER A 299 8.51 -3.03 -7.18
C SER A 299 9.18 -1.70 -6.80
N ALA A 300 8.52 -0.61 -7.17
CA ALA A 300 9.08 0.69 -6.88
C ALA A 300 8.76 1.13 -5.46
N VAL A 301 8.10 0.23 -4.72
CA VAL A 301 7.71 0.61 -3.37
C VAL A 301 7.72 -0.45 -2.24
N TYR A 302 7.48 -1.71 -2.57
CA TYR A 302 7.43 -2.70 -1.51
C TYR A 302 8.70 -2.86 -0.68
N ASN A 303 9.87 -2.70 -1.29
CA ASN A 303 11.13 -2.87 -0.56
C ASN A 303 11.26 -2.15 0.76
N PRO A 304 11.08 -0.81 0.76
CA PRO A 304 11.18 -0.04 2.01
C PRO A 304 10.23 -0.56 3.09
N VAL A 305 9.05 -1.02 2.67
CA VAL A 305 8.07 -1.52 3.61
C VAL A 305 8.67 -2.68 4.38
N ILE A 306 9.21 -3.64 3.65
CA ILE A 306 9.82 -4.80 4.30
C ILE A 306 10.88 -4.31 5.29
N TYR A 307 11.65 -3.33 4.83
CA TYR A 307 12.72 -2.74 5.61
C TYR A 307 12.22 -2.11 6.91
N ILE A 308 11.21 -1.26 6.81
CA ILE A 308 10.68 -0.61 8.00
C ILE A 308 9.93 -1.55 8.91
N MET A 309 9.39 -2.63 8.35
CA MET A 309 8.64 -3.60 9.14
C MET A 309 9.53 -4.65 9.81
N MET A 310 10.62 -5.01 9.15
CA MET A 310 11.50 -6.05 9.68
C MET A 310 12.87 -5.60 10.15
N ASN A 311 13.07 -4.29 10.30
CA ASN A 311 14.38 -3.85 10.75
C ASN A 311 14.19 -2.85 11.90
N LYS A 312 14.13 -3.40 13.12
CA LYS A 312 13.91 -2.66 14.36
C LYS A 312 14.78 -1.42 14.55
N GLN A 313 15.98 -1.45 13.98
CA GLN A 313 16.88 -0.31 14.10
C GLN A 313 16.46 0.84 13.21
N PHE A 314 16.24 0.54 11.94
CA PHE A 314 15.84 1.56 10.99
C PHE A 314 14.50 2.12 11.37
N ARG A 315 13.54 1.23 11.63
CA ARG A 315 12.22 1.70 12.00
C ARG A 315 12.31 2.79 13.06
N ASN A 316 12.77 2.41 14.24
CA ASN A 316 12.91 3.36 15.32
C ASN A 316 13.67 4.61 14.88
N CYS A 317 14.61 4.47 13.95
CA CYS A 317 15.35 5.63 13.46
C CYS A 317 14.41 6.55 12.68
N MET A 318 13.51 5.94 11.92
CA MET A 318 12.52 6.67 11.15
C MET A 318 11.57 7.35 12.15
N VAL A 319 11.14 6.57 13.15
CA VAL A 319 10.25 7.10 14.16
C VAL A 319 10.96 8.23 14.86
N THR A 320 12.28 8.11 14.95
CA THR A 320 13.06 9.16 15.59
C THR A 320 13.02 10.41 14.76
N THR A 321 13.38 10.31 13.48
CA THR A 321 13.37 11.47 12.59
C THR A 321 11.97 12.06 12.52
N LEU A 322 10.98 11.19 12.33
CA LEU A 322 9.59 11.64 12.23
C LEU A 322 9.14 12.44 13.44
N CYS A 323 9.70 12.13 14.61
CA CYS A 323 9.36 12.82 15.84
C CYS A 323 10.38 13.90 16.13
N CYS A 324 11.23 14.16 15.13
CA CYS A 324 12.29 15.17 15.19
C CYS A 324 13.17 15.11 16.43
N GLY A 325 12.98 14.08 17.25
CA GLY A 325 13.76 13.96 18.47
C GLY A 325 14.00 12.56 18.98
N LYS A 326 12.96 11.90 19.52
CA LYS A 326 13.12 10.55 20.07
C LYS A 326 11.81 9.78 20.33
N ASN A 327 11.81 8.97 21.38
CA ASN A 327 10.68 8.14 21.81
C ASN A 327 10.04 7.30 20.69
N PRO A 328 10.79 6.32 20.13
CA PRO A 328 10.35 5.41 19.04
C PRO A 328 9.61 4.07 19.36
N LEU A 329 8.52 4.19 20.12
CA LEU A 329 7.61 3.12 20.54
C LEU A 329 7.96 1.63 20.42
N GLY A 330 9.24 1.29 20.46
CA GLY A 330 9.63 -0.11 20.31
C GLY A 330 9.61 -1.04 21.51
N ASP A 331 10.06 -2.27 21.26
CA ASP A 331 10.15 -3.36 22.24
C ASP A 331 11.62 -3.79 22.32
N SER A 335 19.17 -2.93 18.52
CA SER A 335 19.05 -2.14 19.74
C SER A 335 20.11 -1.04 19.84
N THR A 336 21.17 -1.16 19.05
CA THR A 336 22.20 -0.12 19.04
C THR A 336 21.58 1.10 18.38
N THR A 337 22.27 2.24 18.42
CA THR A 337 21.68 3.43 17.84
C THR A 337 22.38 4.03 16.63
N VAL A 338 21.85 5.18 16.22
CA VAL A 338 22.34 5.94 15.09
C VAL A 338 21.45 7.15 14.89
N SER A 339 22.06 8.32 14.79
CA SER A 339 21.31 9.55 14.59
C SER A 339 22.25 10.70 14.24
N LYS A 340 21.98 11.89 14.79
CA LYS A 340 22.78 13.09 14.52
C LYS A 340 23.44 13.84 15.70
N THR A 341 22.70 14.70 16.39
CA THR A 341 23.27 15.46 17.52
C THR A 341 23.34 14.64 18.81
N GLU A 342 22.34 13.78 18.99
CA GLU A 342 22.28 12.91 20.15
C GLU A 342 23.52 11.98 20.15
N THR A 343 23.35 10.73 20.59
CA THR A 343 24.46 9.79 20.68
C THR A 343 24.70 8.90 19.46
N SER A 344 25.08 9.53 18.36
CA SER A 344 25.39 8.85 17.13
C SER A 344 26.93 8.78 17.19
N GLN A 345 27.44 8.78 18.43
CA GLN A 345 28.86 8.71 18.72
C GLN A 345 29.32 7.33 18.30
N VAL A 346 30.63 7.08 18.31
CA VAL A 346 31.11 5.77 17.90
C VAL A 346 31.51 4.85 19.04
N ALA A 347 31.79 3.59 18.71
CA ALA A 347 32.16 2.58 19.70
C ALA A 347 32.96 1.39 19.13
N PRO A 348 33.93 1.65 18.21
CA PRO A 348 34.77 0.61 17.58
C PRO A 348 35.77 -0.14 18.48
N ALA A 349 36.95 -0.44 17.93
CA ALA A 349 38.00 -1.16 18.64
C ALA A 349 39.41 -1.01 18.01
C ACE B 1 -14.90 -24.57 27.38
O ACE B 1 -15.57 -24.69 26.35
CH3 ACE B 1 -14.48 -25.79 28.19
N MET B 2 -14.52 -23.39 27.87
CA MET B 2 -14.86 -22.13 27.20
C MET B 2 -14.07 -21.99 25.91
N ASN B 3 -14.79 -21.64 24.84
CA ASN B 3 -14.19 -21.46 23.52
C ASN B 3 -13.30 -20.24 23.51
N GLY B 4 -13.65 -19.25 24.32
CA GLY B 4 -12.83 -18.06 24.36
C GLY B 4 -12.05 -18.02 25.65
N THR B 5 -11.59 -16.84 25.98
CA THR B 5 -10.84 -16.63 27.20
C THR B 5 -11.19 -15.20 27.61
N GLU B 6 -12.19 -15.07 28.46
CA GLU B 6 -12.60 -13.75 28.89
C GLU B 6 -11.71 -13.18 29.98
N GLY B 7 -11.30 -11.95 29.77
CA GLY B 7 -10.50 -11.25 30.76
C GLY B 7 -11.45 -10.23 31.36
N PRO B 8 -11.01 -9.52 32.39
CA PRO B 8 -11.92 -8.54 32.97
C PRO B 8 -11.73 -7.29 32.14
N ASN B 9 -10.98 -7.47 31.06
CA ASN B 9 -10.60 -6.40 30.17
C ASN B 9 -10.70 -6.77 28.70
N PHE B 10 -10.77 -8.07 28.44
CA PHE B 10 -10.79 -8.54 27.08
C PHE B 10 -11.55 -9.83 26.85
N TYR B 11 -11.25 -10.47 25.73
CA TYR B 11 -11.84 -11.75 25.35
C TYR B 11 -11.06 -12.31 24.16
N VAL B 12 -10.02 -13.09 24.45
CA VAL B 12 -9.22 -13.68 23.38
C VAL B 12 -10.01 -14.86 22.82
N PRO B 13 -10.33 -14.79 21.52
CA PRO B 13 -11.09 -15.84 20.82
C PRO B 13 -10.25 -17.08 20.63
N PHE B 14 -9.57 -17.47 21.69
CA PHE B 14 -8.73 -18.66 21.65
C PHE B 14 -9.08 -19.37 22.94
N SER B 15 -8.70 -20.64 23.04
CA SER B 15 -8.99 -21.39 24.24
C SER B 15 -7.74 -21.59 25.08
N ASN B 16 -7.87 -21.34 26.38
CA ASN B 16 -6.74 -21.49 27.28
C ASN B 16 -6.69 -22.79 28.06
N LYS B 17 -6.99 -23.89 27.38
CA LYS B 17 -6.95 -25.19 28.01
C LYS B 17 -5.50 -25.63 27.95
N THR B 18 -4.66 -24.76 27.41
CA THR B 18 -3.24 -25.03 27.26
C THR B 18 -2.35 -24.00 27.95
N GLY B 19 -2.98 -23.08 28.68
CA GLY B 19 -2.25 -22.04 29.40
C GLY B 19 -1.51 -21.01 28.57
N VAL B 20 -1.44 -21.23 27.26
CA VAL B 20 -0.74 -20.32 26.36
C VAL B 20 -1.43 -18.99 26.13
N VAL B 21 -2.71 -18.89 26.48
CA VAL B 21 -3.44 -17.64 26.29
C VAL B 21 -2.98 -16.63 27.32
N ARG B 22 -2.66 -15.44 26.83
CA ARG B 22 -2.22 -14.36 27.72
C ARG B 22 -2.73 -13.00 27.21
N SER B 23 -2.94 -12.09 28.15
CA SER B 23 -3.47 -10.75 27.86
C SER B 23 -2.91 -10.04 26.63
N PRO B 24 -3.80 -9.50 25.76
CA PRO B 24 -3.36 -8.79 24.56
C PRO B 24 -2.82 -7.40 24.97
N PHE B 25 -2.80 -7.20 26.29
CA PHE B 25 -2.30 -5.97 26.90
C PHE B 25 -0.94 -6.20 27.56
N GLU B 26 -0.56 -7.47 27.68
CA GLU B 26 0.71 -7.80 28.31
C GLU B 26 1.70 -8.62 27.51
N ALA B 27 1.25 -9.30 26.46
CA ALA B 27 2.18 -10.13 25.69
C ALA B 27 1.71 -10.55 24.32
N PRO B 28 2.67 -10.70 23.39
CA PRO B 28 2.41 -11.11 22.00
C PRO B 28 1.42 -12.27 21.89
N GLN B 29 0.51 -12.14 20.92
CA GLN B 29 -0.52 -13.14 20.65
C GLN B 29 -0.11 -14.05 19.52
N TYR B 30 1.20 -14.26 19.40
CA TYR B 30 1.75 -15.11 18.36
C TYR B 30 1.33 -16.57 18.45
N TYR B 31 0.44 -16.87 19.39
CA TYR B 31 -0.06 -18.21 19.53
C TYR B 31 -1.41 -18.33 18.85
N LEU B 32 -1.98 -17.17 18.50
CA LEU B 32 -3.26 -17.10 17.80
C LEU B 32 -3.01 -17.34 16.32
N ALA B 33 -1.91 -16.77 15.83
CA ALA B 33 -1.49 -16.89 14.43
C ALA B 33 0.05 -16.90 14.30
N GLU B 34 0.56 -16.74 13.08
CA GLU B 34 2.00 -16.74 12.84
C GLU B 34 2.61 -15.36 12.92
N PRO B 35 3.87 -15.26 13.38
CA PRO B 35 4.54 -13.96 13.50
C PRO B 35 4.63 -13.13 12.23
N TRP B 36 4.38 -13.77 11.08
CA TRP B 36 4.46 -13.05 9.82
C TRP B 36 3.16 -12.35 9.44
N GLN B 37 2.05 -12.97 9.84
CA GLN B 37 0.75 -12.40 9.58
C GLN B 37 0.63 -11.07 10.31
N PHE B 38 1.24 -10.99 11.48
CA PHE B 38 1.24 -9.76 12.26
C PHE B 38 2.07 -8.69 11.55
N SER B 39 3.19 -9.11 10.99
CA SER B 39 4.04 -8.17 10.29
C SER B 39 3.30 -7.72 9.04
N MET B 40 2.56 -8.65 8.46
CA MET B 40 1.77 -8.38 7.28
C MET B 40 0.79 -7.23 7.59
N LEU B 41 0.05 -7.38 8.69
CA LEU B 41 -0.91 -6.38 9.18
C LEU B 41 -0.19 -5.04 9.32
N ALA B 42 0.90 -5.09 10.06
CA ALA B 42 1.74 -3.92 10.31
C ALA B 42 2.16 -3.25 8.98
N ALA B 43 2.54 -4.07 7.99
CA ALA B 43 2.95 -3.55 6.67
C ALA B 43 1.77 -2.77 6.11
N TYR B 44 0.67 -3.48 5.93
CA TYR B 44 -0.57 -2.93 5.41
C TYR B 44 -0.91 -1.62 6.10
N MET B 45 -1.00 -1.66 7.43
CA MET B 45 -1.31 -0.47 8.20
C MET B 45 -0.35 0.66 7.84
N PHE B 46 0.92 0.31 7.78
CA PHE B 46 1.93 1.27 7.44
C PHE B 46 1.57 1.91 6.10
N LEU B 47 1.29 1.07 5.12
CA LEU B 47 0.91 1.56 3.80
C LEU B 47 -0.31 2.47 3.89
N LEU B 48 -1.29 2.05 4.71
CA LEU B 48 -2.52 2.82 4.86
C LEU B 48 -2.20 4.21 5.39
N ILE B 49 -1.35 4.27 6.40
CA ILE B 49 -0.97 5.54 6.97
C ILE B 49 -0.24 6.33 5.92
N MET B 50 0.70 5.68 5.26
CA MET B 50 1.49 6.29 4.21
C MET B 50 0.70 6.83 3.03
N LEU B 51 -0.55 6.39 2.88
CA LEU B 51 -1.38 6.86 1.80
C LEU B 51 -2.53 7.70 2.33
N GLY B 52 -3.25 7.17 3.32
CA GLY B 52 -4.36 7.90 3.89
C GLY B 52 -4.00 9.32 4.28
N PHE B 53 -2.74 9.54 4.64
CA PHE B 53 -2.31 10.86 5.02
C PHE B 53 -2.24 11.81 3.83
N PRO B 54 -1.29 11.58 2.89
CA PRO B 54 -1.20 12.47 1.74
C PRO B 54 -2.53 12.72 1.01
N ILE B 55 -3.21 11.66 0.64
CA ILE B 55 -4.47 11.79 -0.08
C ILE B 55 -5.50 12.65 0.64
N ASN B 56 -5.73 12.37 1.92
CA ASN B 56 -6.71 13.14 2.68
C ASN B 56 -6.23 14.55 2.95
N PHE B 57 -4.92 14.72 3.09
CA PHE B 57 -4.40 16.05 3.34
C PHE B 57 -4.48 16.91 2.09
N LEU B 58 -4.04 16.33 0.97
CA LEU B 58 -4.07 17.02 -0.30
C LEU B 58 -5.46 17.57 -0.50
N THR B 59 -6.45 16.69 -0.39
CA THR B 59 -7.86 17.03 -0.55
C THR B 59 -8.17 18.25 0.30
N LEU B 60 -7.74 18.21 1.56
CA LEU B 60 -7.97 19.31 2.48
C LEU B 60 -7.42 20.60 1.92
N TYR B 61 -6.11 20.60 1.66
CA TYR B 61 -5.41 21.76 1.14
C TYR B 61 -6.02 22.30 -0.15
N VAL B 62 -6.42 21.40 -1.04
CA VAL B 62 -7.02 21.88 -2.26
C VAL B 62 -8.33 22.58 -1.90
N THR B 63 -9.29 21.83 -1.35
CA THR B 63 -10.61 22.37 -0.98
C THR B 63 -10.56 23.76 -0.36
N VAL B 64 -9.69 23.97 0.61
CA VAL B 64 -9.61 25.28 1.23
C VAL B 64 -8.88 26.31 0.40
N GLN B 65 -7.79 25.90 -0.24
CA GLN B 65 -7.02 26.83 -1.06
C GLN B 65 -7.79 27.38 -2.25
N HIS B 66 -8.83 26.67 -2.66
CA HIS B 66 -9.64 27.09 -3.79
C HIS B 66 -10.99 27.67 -3.43
N LYS B 67 -11.05 28.98 -3.55
CA LYS B 67 -12.21 29.82 -3.30
C LYS B 67 -13.50 29.25 -3.91
N LYS B 68 -13.37 28.56 -5.04
CA LYS B 68 -14.52 28.00 -5.76
C LYS B 68 -15.02 26.64 -5.28
N LEU B 69 -14.51 26.15 -4.16
CA LEU B 69 -14.92 24.84 -3.68
C LEU B 69 -15.63 24.86 -2.35
N ARG B 70 -16.87 25.32 -2.32
CA ARG B 70 -17.62 25.38 -1.07
C ARG B 70 -19.01 24.77 -1.19
N THR B 71 -19.26 24.00 -2.25
CA THR B 71 -20.58 23.37 -2.38
C THR B 71 -20.72 22.39 -1.20
N PRO B 72 -21.97 22.06 -0.81
CA PRO B 72 -22.10 21.13 0.32
C PRO B 72 -21.14 19.95 0.12
N LEU B 73 -21.27 19.32 -1.04
CA LEU B 73 -20.42 18.20 -1.41
C LEU B 73 -18.97 18.46 -1.03
N ASN B 74 -18.46 19.62 -1.43
CA ASN B 74 -17.08 20.02 -1.15
C ASN B 74 -16.85 20.03 0.35
N TYR B 75 -17.83 20.56 1.08
CA TYR B 75 -17.76 20.65 2.53
C TYR B 75 -17.66 19.29 3.16
N ILE B 76 -18.59 18.42 2.79
CA ILE B 76 -18.63 17.06 3.28
C ILE B 76 -17.29 16.41 3.09
N LEU B 77 -16.81 16.43 1.85
CA LEU B 77 -15.52 15.83 1.56
C LEU B 77 -14.33 16.41 2.31
N LEU B 78 -14.34 17.71 2.60
CA LEU B 78 -13.25 18.29 3.36
C LEU B 78 -13.34 17.61 4.71
N ASN B 79 -14.57 17.50 5.17
CA ASN B 79 -14.88 16.87 6.45
C ASN B 79 -14.26 15.48 6.45
N LEU B 80 -14.74 14.61 5.55
CA LEU B 80 -14.20 13.26 5.49
C LEU B 80 -12.69 13.28 5.51
N ALA B 81 -12.10 14.17 4.71
CA ALA B 81 -10.66 14.29 4.60
C ALA B 81 -10.09 14.45 5.98
N VAL B 82 -10.73 15.28 6.78
CA VAL B 82 -10.29 15.52 8.14
C VAL B 82 -10.46 14.26 9.01
N ALA B 83 -11.68 13.76 9.11
CA ALA B 83 -11.95 12.55 9.89
C ALA B 83 -11.00 11.42 9.49
N ASP B 84 -10.67 11.38 8.20
CA ASP B 84 -9.77 10.37 7.67
C ASP B 84 -8.40 10.59 8.30
N LEU B 85 -7.94 11.84 8.28
CA LEU B 85 -6.63 12.17 8.84
C LEU B 85 -6.56 11.80 10.31
N PHE B 86 -7.67 11.97 11.01
CA PHE B 86 -7.73 11.62 12.42
C PHE B 86 -7.51 10.13 12.57
N MET B 87 -8.25 9.34 11.78
CA MET B 87 -8.09 7.89 11.83
C MET B 87 -6.60 7.58 11.71
N VAL B 88 -6.01 8.05 10.60
CA VAL B 88 -4.61 7.84 10.29
C VAL B 88 -3.66 8.08 11.46
N PHE B 89 -3.71 9.26 12.06
CA PHE B 89 -2.80 9.55 13.17
C PHE B 89 -3.29 8.99 14.49
N GLY B 90 -4.51 9.37 14.84
CA GLY B 90 -5.09 8.91 16.08
C GLY B 90 -5.00 7.40 16.30
N GLY B 91 -5.66 6.63 15.45
CA GLY B 91 -5.67 5.19 15.63
C GLY B 91 -4.77 4.35 14.76
N PHE B 92 -4.73 4.65 13.46
CA PHE B 92 -3.91 3.89 12.54
C PHE B 92 -2.49 3.75 13.02
N THR B 93 -2.03 4.75 13.74
CA THR B 93 -0.68 4.73 14.26
C THR B 93 -0.56 3.64 15.33
N THR B 94 -1.53 3.61 16.24
CA THR B 94 -1.54 2.62 17.31
C THR B 94 -1.73 1.23 16.75
N THR B 95 -2.59 1.09 15.73
CA THR B 95 -2.84 -0.22 15.14
C THR B 95 -1.60 -0.75 14.41
N LEU B 96 -0.86 0.13 13.75
CA LEU B 96 0.36 -0.28 13.04
C LEU B 96 1.31 -0.84 14.08
N TYR B 97 1.42 -0.12 15.16
CA TYR B 97 2.28 -0.49 16.24
C TYR B 97 1.92 -1.72 17.00
N THR B 98 0.64 -1.80 17.30
CA THR B 98 0.10 -2.95 18.00
C THR B 98 0.49 -4.18 17.17
N SER B 99 0.29 -4.06 15.86
CA SER B 99 0.62 -5.16 14.95
C SER B 99 2.12 -5.48 15.04
N LEU B 100 2.95 -4.43 15.00
CA LEU B 100 4.39 -4.61 15.06
C LEU B 100 4.82 -5.39 16.29
N HIS B 101 4.18 -5.13 17.42
CA HIS B 101 4.53 -5.81 18.67
C HIS B 101 3.73 -7.07 18.95
N GLY B 102 2.61 -7.23 18.26
CA GLY B 102 1.81 -8.43 18.46
C GLY B 102 0.75 -8.33 19.54
N TYR B 103 0.54 -7.13 20.07
CA TYR B 103 -0.45 -6.91 21.12
C TYR B 103 -0.45 -5.44 21.43
N PHE B 104 -1.45 -5.00 22.19
CA PHE B 104 -1.56 -3.60 22.56
C PHE B 104 -0.53 -3.18 23.60
N VAL B 105 0.69 -2.94 23.14
CA VAL B 105 1.78 -2.52 24.00
C VAL B 105 1.42 -1.22 24.73
N PHE B 106 0.60 -0.40 24.09
CA PHE B 106 0.20 0.87 24.70
C PHE B 106 -0.98 0.71 25.65
N GLY B 107 -1.25 -0.53 26.04
CA GLY B 107 -2.35 -0.77 26.95
C GLY B 107 -3.73 -0.43 26.42
N PRO B 108 -4.72 -0.26 27.31
CA PRO B 108 -6.09 0.07 26.96
C PRO B 108 -6.26 1.42 26.27
N THR B 109 -5.30 2.32 26.46
CA THR B 109 -5.39 3.63 25.82
C THR B 109 -5.18 3.42 24.34
N GLY B 110 -4.19 2.58 24.01
CA GLY B 110 -3.90 2.29 22.63
C GLY B 110 -5.14 1.69 22.01
N CYS B 111 -5.74 0.76 22.76
CA CYS B 111 -6.97 0.09 22.35
C CYS B 111 -8.05 1.13 22.12
N ASN B 112 -8.01 2.17 22.93
CA ASN B 112 -8.99 3.23 22.82
C ASN B 112 -8.74 4.12 21.63
N LEU B 113 -7.49 4.54 21.47
CA LEU B 113 -7.15 5.39 20.35
C LEU B 113 -7.49 4.60 19.09
N GLU B 114 -7.05 3.34 19.08
CA GLU B 114 -7.25 2.44 17.95
C GLU B 114 -8.71 2.26 17.61
N GLY B 115 -9.53 1.99 18.62
CA GLY B 115 -10.94 1.79 18.41
C GLY B 115 -11.78 3.06 18.22
N PHE B 116 -11.53 4.06 19.05
CA PHE B 116 -12.27 5.32 18.98
C PHE B 116 -12.22 6.01 17.64
N PHE B 117 -11.03 6.42 17.24
CA PHE B 117 -10.83 7.13 15.97
C PHE B 117 -11.34 6.38 14.76
N ALA B 118 -11.33 5.04 14.84
CA ALA B 118 -11.81 4.20 13.75
C ALA B 118 -13.33 4.30 13.69
N THR B 119 -13.95 4.27 14.86
CA THR B 119 -15.39 4.37 14.96
C THR B 119 -15.80 5.81 14.68
N LEU B 120 -15.02 6.76 15.21
CA LEU B 120 -15.27 8.18 15.00
C LEU B 120 -15.17 8.44 13.48
N GLY B 121 -14.20 7.81 12.84
CA GLY B 121 -14.05 8.00 11.40
C GLY B 121 -15.19 7.37 10.62
N GLY B 122 -15.50 6.12 10.95
CA GLY B 122 -16.56 5.43 10.23
C GLY B 122 -17.92 6.09 10.35
N GLU B 123 -18.30 6.50 11.56
CA GLU B 123 -19.59 7.12 11.77
C GLU B 123 -19.70 8.48 11.04
N ILE B 124 -18.66 9.30 11.12
CA ILE B 124 -18.68 10.58 10.42
C ILE B 124 -19.00 10.31 8.95
N ALA B 125 -18.46 9.21 8.43
CA ALA B 125 -18.69 8.81 7.05
C ALA B 125 -20.18 8.51 6.80
N LEU B 126 -20.74 7.64 7.65
CA LEU B 126 -22.15 7.28 7.54
C LEU B 126 -23.05 8.51 7.68
N TRP B 127 -22.87 9.25 8.76
CA TRP B 127 -23.69 10.43 8.99
C TRP B 127 -23.56 11.46 7.88
N SER B 128 -22.35 11.64 7.35
CA SER B 128 -22.18 12.58 6.25
C SER B 128 -23.03 12.07 5.09
N LEU B 129 -23.04 10.75 4.93
CA LEU B 129 -23.83 10.13 3.87
C LEU B 129 -25.32 10.48 3.96
N VAL B 130 -25.79 10.74 5.19
CA VAL B 130 -27.18 11.11 5.38
C VAL B 130 -27.32 12.60 5.00
N VAL B 131 -26.36 13.41 5.45
CA VAL B 131 -26.35 14.84 5.13
C VAL B 131 -26.40 15.02 3.61
N LEU B 132 -25.70 14.15 2.89
CA LEU B 132 -25.67 14.19 1.42
C LEU B 132 -26.99 13.72 0.86
N ALA B 133 -27.45 12.57 1.34
CA ALA B 133 -28.71 12.01 0.86
C ALA B 133 -29.75 13.12 0.82
N ILE B 134 -29.87 13.89 1.90
CA ILE B 134 -30.81 14.99 1.99
C ILE B 134 -30.49 16.12 1.01
N GLU B 135 -29.30 16.71 1.17
CA GLU B 135 -28.87 17.80 0.30
C GLU B 135 -29.29 17.42 -1.12
N ARG B 136 -29.01 16.18 -1.47
CA ARG B 136 -29.33 15.64 -2.76
C ARG B 136 -30.84 15.63 -3.04
N TYR B 137 -31.60 15.07 -2.13
CA TYR B 137 -33.04 14.99 -2.24
C TYR B 137 -33.65 16.36 -2.50
N VAL B 138 -33.03 17.38 -1.93
CA VAL B 138 -33.50 18.75 -2.08
C VAL B 138 -33.14 19.34 -3.45
N VAL B 139 -31.85 19.28 -3.80
CA VAL B 139 -31.38 19.82 -5.06
C VAL B 139 -31.86 19.05 -6.28
N VAL B 140 -32.56 17.95 -6.07
CA VAL B 140 -33.06 17.18 -7.20
C VAL B 140 -34.57 17.12 -7.23
N CYS B 141 -35.18 17.03 -6.05
CA CYS B 141 -36.64 16.99 -5.97
C CYS B 141 -37.18 18.34 -5.52
N GLY B 150 -26.70 26.38 1.26
CA GLY B 150 -25.53 27.24 1.29
C GLY B 150 -24.50 26.74 2.29
N GLU B 151 -23.35 27.40 2.34
CA GLU B 151 -22.30 27.00 3.27
C GLU B 151 -22.88 27.09 4.67
N ASN B 152 -23.81 28.00 4.80
CA ASN B 152 -24.53 28.25 6.02
C ASN B 152 -25.07 26.90 6.56
N HIS B 153 -25.85 26.22 5.74
CA HIS B 153 -26.43 24.93 6.12
C HIS B 153 -25.38 23.82 6.02
N ALA B 154 -24.51 23.93 5.03
CA ALA B 154 -23.45 22.95 4.81
C ALA B 154 -22.65 22.75 6.09
N ILE B 155 -22.28 23.85 6.74
CA ILE B 155 -21.52 23.77 7.97
C ILE B 155 -22.36 23.17 9.09
N MET B 156 -23.67 23.35 9.00
CA MET B 156 -24.59 22.79 9.97
C MET B 156 -24.49 21.27 9.92
N GLY B 157 -24.64 20.73 8.70
CA GLY B 157 -24.54 19.30 8.51
C GLY B 157 -23.24 18.69 8.98
N VAL B 158 -22.12 19.38 8.73
CA VAL B 158 -20.81 18.89 9.15
C VAL B 158 -20.71 18.83 10.68
N ALA B 159 -21.08 19.92 11.35
CA ALA B 159 -21.04 19.98 12.81
C ALA B 159 -21.90 18.83 13.34
N PHE B 160 -22.99 18.60 12.61
CA PHE B 160 -23.95 17.55 12.91
C PHE B 160 -23.33 16.14 12.86
N THR B 161 -22.55 15.88 11.81
CA THR B 161 -21.92 14.58 11.65
C THR B 161 -20.97 14.31 12.81
N TRP B 162 -20.33 15.36 13.32
CA TRP B 162 -19.43 15.19 14.45
C TRP B 162 -20.19 14.87 15.72
N VAL B 163 -21.33 15.52 15.91
CA VAL B 163 -22.16 15.28 17.08
C VAL B 163 -22.66 13.85 17.04
N MET B 164 -23.27 13.50 15.92
CA MET B 164 -23.79 12.16 15.74
C MET B 164 -22.69 11.13 15.89
N ALA B 165 -21.54 11.40 15.27
CA ALA B 165 -20.40 10.49 15.33
C ALA B 165 -19.95 10.29 16.78
N LEU B 166 -19.76 11.39 17.51
CA LEU B 166 -19.35 11.32 18.91
C LEU B 166 -20.43 10.59 19.69
N ALA B 167 -21.68 10.86 19.33
CA ALA B 167 -22.84 10.24 19.99
C ALA B 167 -22.67 8.73 20.00
N CYS B 168 -21.93 8.23 19.01
CA CYS B 168 -21.69 6.80 18.90
C CYS B 168 -20.32 6.39 19.44
N ALA B 169 -19.28 7.09 19.02
CA ALA B 169 -17.92 6.74 19.43
C ALA B 169 -17.44 7.13 20.82
N ALA B 170 -18.02 8.17 21.41
CA ALA B 170 -17.58 8.63 22.74
C ALA B 170 -18.02 7.81 23.97
N PRO B 171 -19.27 7.30 23.97
CA PRO B 171 -19.79 6.52 25.10
C PRO B 171 -18.89 5.42 25.68
N PRO B 172 -18.32 4.56 24.82
CA PRO B 172 -17.46 3.48 25.30
C PRO B 172 -16.20 3.95 26.05
N LEU B 173 -16.00 5.26 26.07
CA LEU B 173 -14.84 5.86 26.74
C LEU B 173 -15.22 6.36 28.10
N VAL B 174 -16.52 6.49 28.34
CA VAL B 174 -16.99 6.99 29.61
C VAL B 174 -18.06 6.16 30.31
N GLY B 175 -18.09 4.85 30.06
CA GLY B 175 -19.06 4.04 30.76
C GLY B 175 -20.08 3.21 30.01
N TRP B 176 -20.36 3.54 28.76
CA TRP B 176 -21.35 2.73 28.04
C TRP B 176 -20.65 1.88 26.98
N SER B 177 -20.56 0.57 27.26
CA SER B 177 -19.87 -0.38 26.41
C SER B 177 -18.39 -0.02 26.52
N ARG B 178 -17.53 -0.74 25.82
CA ARG B 178 -16.10 -0.46 25.87
C ARG B 178 -15.39 -0.90 24.60
N TYR B 179 -14.17 -0.39 24.39
CA TYR B 179 -13.37 -0.76 23.23
C TYR B 179 -12.51 -1.94 23.66
N ILE B 180 -12.57 -3.02 22.88
CA ILE B 180 -11.87 -4.25 23.22
C ILE B 180 -11.21 -4.88 22.01
N PRO B 181 -9.94 -5.32 22.17
CA PRO B 181 -9.20 -5.94 21.08
C PRO B 181 -10.00 -6.99 20.34
N GLU B 182 -9.87 -6.99 19.01
CA GLU B 182 -10.58 -7.94 18.16
C GLU B 182 -9.67 -8.80 17.27
N GLY B 183 -10.21 -9.94 16.83
CA GLY B 183 -9.48 -10.86 15.96
C GLY B 183 -8.19 -11.38 16.54
N MET B 184 -7.07 -10.89 16.01
CA MET B 184 -5.75 -11.28 16.50
C MET B 184 -5.34 -10.24 17.53
N GLN B 185 -6.34 -9.58 18.11
CA GLN B 185 -6.15 -8.57 19.14
C GLN B 185 -5.28 -7.37 18.75
N CYS B 186 -5.29 -7.01 17.46
CA CYS B 186 -4.50 -5.86 17.00
C CYS B 186 -5.28 -4.62 16.64
N SER B 187 -6.60 -4.70 16.78
CA SER B 187 -7.51 -3.59 16.53
C SER B 187 -8.50 -3.64 17.67
N CYS B 188 -9.24 -2.55 17.90
CA CYS B 188 -10.20 -2.54 18.99
C CYS B 188 -11.57 -2.04 18.51
N GLY B 189 -12.63 -2.71 18.99
CA GLY B 189 -14.01 -2.38 18.64
C GLY B 189 -14.98 -2.52 19.80
N ILE B 190 -16.26 -2.28 19.57
CA ILE B 190 -17.26 -2.39 20.64
C ILE B 190 -17.37 -3.81 21.17
N ASP B 191 -17.67 -3.93 22.46
CA ASP B 191 -17.77 -5.24 23.08
C ASP B 191 -19.05 -5.98 22.74
N TYR B 192 -18.93 -7.00 21.90
CA TYR B 192 -20.08 -7.80 21.49
C TYR B 192 -19.94 -9.17 22.14
N TYR B 193 -18.67 -9.48 22.39
CA TYR B 193 -18.24 -10.75 22.95
C TYR B 193 -18.74 -11.12 24.34
N THR B 194 -18.81 -10.13 25.21
CA THR B 194 -19.23 -10.37 26.57
C THR B 194 -20.43 -9.54 26.96
N PRO B 195 -21.28 -10.08 27.85
CA PRO B 195 -22.48 -9.38 28.30
C PRO B 195 -22.10 -8.26 29.27
N HIS B 196 -21.10 -8.54 30.10
CA HIS B 196 -20.59 -7.61 31.11
C HIS B 196 -21.68 -6.67 31.58
N GLU B 197 -22.53 -7.15 32.49
CA GLU B 197 -23.62 -6.32 32.99
C GLU B 197 -23.11 -4.96 33.44
N GLU B 198 -21.96 -5.00 34.11
CA GLU B 198 -21.32 -3.81 34.66
C GLU B 198 -20.93 -2.69 33.68
N THR B 199 -21.27 -2.83 32.41
CA THR B 199 -20.91 -1.79 31.43
C THR B 199 -22.05 -1.61 30.42
N ASN B 200 -23.01 -2.52 30.47
CA ASN B 200 -24.19 -2.49 29.62
C ASN B 200 -23.87 -2.62 28.14
N ASN B 201 -23.18 -3.68 27.79
CA ASN B 201 -22.85 -3.88 26.39
C ASN B 201 -24.15 -4.14 25.62
N GLU B 202 -24.90 -5.15 26.04
CA GLU B 202 -26.15 -5.52 25.38
C GLU B 202 -26.96 -4.31 24.94
N SER B 203 -27.09 -3.32 25.82
CA SER B 203 -27.86 -2.13 25.50
C SER B 203 -27.21 -1.23 24.47
N PHE B 204 -25.94 -0.88 24.67
CA PHE B 204 -25.23 -0.01 23.73
C PHE B 204 -25.16 -0.59 22.33
N VAL B 205 -24.84 -1.88 22.23
CA VAL B 205 -24.75 -2.53 20.93
C VAL B 205 -26.05 -2.36 20.19
N ILE B 206 -27.15 -2.70 20.85
CA ILE B 206 -28.46 -2.56 20.24
C ILE B 206 -28.62 -1.09 19.80
N TYR B 207 -28.25 -0.18 20.71
CA TYR B 207 -28.32 1.26 20.47
C TYR B 207 -27.57 1.65 19.21
N MET B 208 -26.31 1.26 19.17
CA MET B 208 -25.44 1.55 18.05
C MET B 208 -26.02 0.99 16.76
N PHE B 209 -26.30 -0.31 16.74
CA PHE B 209 -26.85 -0.93 15.53
C PHE B 209 -28.11 -0.28 15.01
N VAL B 210 -28.93 0.26 15.91
CA VAL B 210 -30.18 0.91 15.49
C VAL B 210 -29.95 2.38 15.14
N VAL B 211 -29.61 3.16 16.16
CA VAL B 211 -29.36 4.60 16.00
C VAL B 211 -28.23 4.95 15.05
N HIS B 212 -27.11 4.23 15.17
CA HIS B 212 -25.94 4.51 14.35
C HIS B 212 -25.66 3.58 13.19
N PHE B 213 -26.68 2.90 12.67
CA PHE B 213 -26.49 2.01 11.53
C PHE B 213 -27.77 1.79 10.72
N ILE B 214 -28.75 1.17 11.36
CA ILE B 214 -30.01 0.90 10.70
C ILE B 214 -30.64 2.21 10.23
N ILE B 215 -31.06 3.04 11.18
CA ILE B 215 -31.70 4.31 10.87
C ILE B 215 -31.02 5.09 9.75
N PRO B 216 -29.76 5.51 9.95
CA PRO B 216 -29.10 6.27 8.87
C PRO B 216 -29.26 5.60 7.51
N LEU B 217 -29.14 4.27 7.49
CA LEU B 217 -29.28 3.52 6.24
C LEU B 217 -30.68 3.61 5.66
N ILE B 218 -31.69 3.50 6.51
CA ILE B 218 -33.07 3.61 6.07
C ILE B 218 -33.20 4.99 5.40
N VAL B 219 -32.82 6.02 6.15
CA VAL B 219 -32.87 7.39 5.68
C VAL B 219 -32.20 7.56 4.34
N ILE B 220 -30.95 7.16 4.26
CA ILE B 220 -30.18 7.28 3.03
C ILE B 220 -30.81 6.49 1.89
N PHE B 221 -31.21 5.26 2.18
CA PHE B 221 -31.82 4.41 1.17
C PHE B 221 -33.14 4.98 0.69
N PHE B 222 -33.96 5.39 1.63
CA PHE B 222 -35.24 5.95 1.31
C PHE B 222 -35.06 7.18 0.44
N CYS B 223 -34.33 8.17 0.94
CA CYS B 223 -34.08 9.39 0.19
C CYS B 223 -33.61 9.04 -1.20
N TYR B 224 -33.00 7.87 -1.32
CA TYR B 224 -32.53 7.43 -2.62
C TYR B 224 -33.73 6.99 -3.42
N GLY B 225 -34.66 6.30 -2.74
CA GLY B 225 -35.87 5.83 -3.40
C GLY B 225 -36.70 6.97 -3.97
N GLN B 226 -36.48 8.17 -3.44
CA GLN B 226 -37.19 9.36 -3.90
C GLN B 226 -36.50 9.94 -5.14
N LEU B 227 -35.18 10.08 -5.06
CA LEU B 227 -34.41 10.61 -6.18
C LEU B 227 -34.13 9.53 -7.23
N GLN B 245 -28.65 21.46 -13.93
CA GLN B 245 -29.48 20.47 -14.60
C GLN B 245 -28.62 19.31 -15.04
N LYS B 246 -27.31 19.52 -14.96
CA LYS B 246 -26.38 18.50 -15.42
C LYS B 246 -25.31 18.08 -14.42
N ALA B 247 -24.82 19.05 -13.63
CA ALA B 247 -23.78 18.77 -12.63
C ALA B 247 -24.34 18.09 -11.39
N GLU B 248 -25.45 18.59 -10.88
CA GLU B 248 -26.08 18.01 -9.69
C GLU B 248 -26.51 16.58 -9.96
N LYS B 249 -26.50 16.18 -11.23
CA LYS B 249 -26.84 14.82 -11.59
C LYS B 249 -25.59 13.96 -11.57
N GLU B 250 -24.42 14.56 -11.79
CA GLU B 250 -23.21 13.76 -11.73
C GLU B 250 -22.67 13.80 -10.31
N VAL B 251 -23.02 14.84 -9.56
CA VAL B 251 -22.61 14.92 -8.16
C VAL B 251 -23.35 13.77 -7.49
N THR B 252 -24.64 13.69 -7.77
CA THR B 252 -25.48 12.62 -7.23
C THR B 252 -24.79 11.28 -7.48
N ARG B 253 -24.48 11.00 -8.75
CA ARG B 253 -23.83 9.75 -9.12
C ARG B 253 -22.67 9.46 -8.18
N MET B 254 -21.88 10.48 -7.88
CA MET B 254 -20.76 10.29 -6.98
C MET B 254 -21.31 9.89 -5.63
N VAL B 255 -22.13 10.77 -5.07
CA VAL B 255 -22.75 10.52 -3.78
C VAL B 255 -23.22 9.08 -3.73
N ILE B 256 -23.98 8.65 -4.73
CA ILE B 256 -24.48 7.28 -4.81
C ILE B 256 -23.34 6.27 -4.68
N ILE B 257 -22.28 6.48 -5.45
CA ILE B 257 -21.15 5.58 -5.41
C ILE B 257 -20.56 5.55 -4.02
N MET B 258 -20.33 6.72 -3.46
CA MET B 258 -19.77 6.85 -2.12
C MET B 258 -20.53 5.94 -1.14
N VAL B 259 -21.85 5.96 -1.23
CA VAL B 259 -22.68 5.14 -0.36
C VAL B 259 -22.40 3.66 -0.55
N ILE B 260 -22.28 3.23 -1.80
CA ILE B 260 -21.98 1.82 -2.09
C ILE B 260 -20.62 1.48 -1.49
N ALA B 261 -19.67 2.39 -1.69
CA ALA B 261 -18.31 2.23 -1.19
C ALA B 261 -18.33 2.05 0.33
N PHE B 262 -19.23 2.77 0.99
CA PHE B 262 -19.34 2.68 2.44
C PHE B 262 -19.80 1.28 2.84
N LEU B 263 -20.81 0.78 2.16
CA LEU B 263 -21.37 -0.53 2.45
C LEU B 263 -20.30 -1.61 2.32
N ILE B 264 -19.65 -1.66 1.16
CA ILE B 264 -18.59 -2.63 0.93
C ILE B 264 -17.55 -2.57 2.05
N CYS B 265 -17.28 -1.37 2.54
CA CYS B 265 -16.31 -1.19 3.61
C CYS B 265 -16.83 -1.57 5.00
N TRP B 266 -18.15 -1.61 5.21
CA TRP B 266 -18.65 -1.91 6.55
C TRP B 266 -19.63 -3.05 6.80
N LEU B 267 -20.41 -3.44 5.79
CA LEU B 267 -21.36 -4.53 6.01
C LEU B 267 -20.66 -5.83 6.41
N PRO B 268 -19.56 -6.18 5.71
CA PRO B 268 -18.89 -7.43 6.08
C PRO B 268 -18.47 -7.40 7.56
N TYR B 269 -18.04 -6.23 8.02
CA TYR B 269 -17.64 -6.09 9.40
C TYR B 269 -18.86 -6.08 10.28
N ALA B 270 -19.72 -5.09 10.06
CA ALA B 270 -20.95 -4.95 10.84
C ALA B 270 -21.67 -6.29 10.98
N GLY B 271 -21.67 -7.07 9.89
CA GLY B 271 -22.30 -8.38 9.91
C GLY B 271 -21.57 -9.31 10.85
N VAL B 272 -20.24 -9.41 10.71
CA VAL B 272 -19.45 -10.27 11.58
C VAL B 272 -19.69 -9.84 13.02
N ALA B 273 -19.78 -8.54 13.23
CA ALA B 273 -20.02 -8.00 14.56
C ALA B 273 -21.37 -8.45 15.08
N PHE B 274 -22.40 -8.24 14.29
CA PHE B 274 -23.73 -8.62 14.73
C PHE B 274 -23.79 -10.11 15.01
N TYR B 275 -23.17 -10.90 14.15
CA TYR B 275 -23.17 -12.33 14.33
C TYR B 275 -22.72 -12.62 15.75
N ILE B 276 -21.46 -12.29 16.03
CA ILE B 276 -20.84 -12.49 17.33
C ILE B 276 -21.75 -12.08 18.48
N PHE B 277 -22.26 -10.86 18.41
CA PHE B 277 -23.13 -10.34 19.47
C PHE B 277 -24.26 -11.32 19.86
N THR B 278 -24.86 -11.96 18.85
CA THR B 278 -25.94 -12.92 19.07
C THR B 278 -25.46 -14.39 19.11
N HIS B 279 -24.14 -14.59 19.23
CA HIS B 279 -23.53 -15.92 19.31
C HIS B 279 -22.28 -15.86 20.19
N GLN B 280 -22.35 -15.07 21.26
CA GLN B 280 -21.22 -14.93 22.17
C GLN B 280 -20.82 -16.28 22.73
N GLY B 281 -19.54 -16.47 23.00
CA GLY B 281 -19.06 -17.72 23.57
C GLY B 281 -18.94 -18.89 22.60
N SER B 282 -19.48 -18.73 21.39
CA SER B 282 -19.41 -19.79 20.39
C SER B 282 -17.99 -19.95 19.91
N ASP B 283 -17.79 -20.85 18.96
CA ASP B 283 -16.43 -21.11 18.50
C ASP B 283 -15.96 -20.47 17.19
N PHE B 284 -15.47 -19.25 17.31
CA PHE B 284 -14.95 -18.53 16.16
C PHE B 284 -13.49 -18.24 16.46
N GLY B 285 -12.66 -18.21 15.43
CA GLY B 285 -11.26 -17.94 15.66
C GLY B 285 -10.88 -16.49 15.51
N PRO B 286 -9.58 -16.19 15.63
CA PRO B 286 -9.05 -14.82 15.51
C PRO B 286 -9.19 -14.23 14.11
N ILE B 287 -8.85 -15.02 13.09
CA ILE B 287 -8.95 -14.51 11.71
C ILE B 287 -10.37 -14.10 11.37
N PHE B 288 -11.35 -14.78 11.96
CA PHE B 288 -12.77 -14.51 11.70
C PHE B 288 -13.15 -13.03 11.72
N MET B 289 -12.48 -12.20 12.51
CA MET B 289 -12.85 -10.79 12.51
C MET B 289 -11.78 -9.89 11.91
N THR B 290 -10.53 -10.30 12.08
CA THR B 290 -9.38 -9.53 11.59
C THR B 290 -9.58 -9.01 10.16
N ILE B 291 -10.06 -9.86 9.27
CA ILE B 291 -10.25 -9.46 7.88
C ILE B 291 -11.28 -8.37 7.60
N PRO B 292 -12.56 -8.59 7.96
CA PRO B 292 -13.52 -7.52 7.69
C PRO B 292 -13.16 -6.27 8.47
N ALA B 293 -12.52 -6.47 9.61
CA ALA B 293 -12.13 -5.37 10.49
C ALA B 293 -10.95 -4.57 9.94
N PHE B 294 -9.98 -5.24 9.35
CA PHE B 294 -8.84 -4.52 8.82
C PHE B 294 -9.11 -4.04 7.41
N PHE B 295 -9.91 -4.80 6.66
CA PHE B 295 -10.24 -4.38 5.32
C PHE B 295 -10.96 -3.05 5.48
N ALA B 296 -11.81 -2.99 6.50
CA ALA B 296 -12.59 -1.79 6.78
C ALA B 296 -11.79 -0.49 6.89
N LYS B 297 -10.52 -0.57 7.29
CA LYS B 297 -9.73 0.65 7.42
C LYS B 297 -9.52 1.41 6.13
N THR B 298 -9.88 0.80 4.99
CA THR B 298 -9.76 1.51 3.72
C THR B 298 -10.77 2.68 3.77
N SER B 299 -11.62 2.66 4.78
CA SER B 299 -12.59 3.74 4.95
C SER B 299 -11.81 5.06 5.16
N ALA B 300 -10.57 4.93 5.59
CA ALA B 300 -9.77 6.10 5.84
C ALA B 300 -9.16 6.59 4.55
N VAL B 301 -9.54 6.00 3.43
CA VAL B 301 -8.91 6.41 2.19
C VAL B 301 -9.73 6.36 0.89
N TYR B 302 -10.66 5.42 0.79
CA TYR B 302 -11.42 5.32 -0.45
C TYR B 302 -12.23 6.55 -0.86
N ASN B 303 -12.74 7.31 0.10
CA ASN B 303 -13.54 8.49 -0.25
C ASN B 303 -12.91 9.47 -1.24
N PRO B 304 -11.71 9.99 -0.92
CA PRO B 304 -11.05 10.94 -1.82
C PRO B 304 -10.89 10.40 -3.25
N VAL B 305 -10.65 9.10 -3.38
CA VAL B 305 -10.50 8.48 -4.69
C VAL B 305 -11.77 8.66 -5.51
N ILE B 306 -12.90 8.31 -4.91
CA ILE B 306 -14.19 8.46 -5.59
C ILE B 306 -14.32 9.92 -6.01
N TYR B 307 -13.91 10.81 -5.10
CA TYR B 307 -13.98 12.24 -5.31
C TYR B 307 -13.12 12.68 -6.48
N ILE B 308 -11.86 12.26 -6.52
CA ILE B 308 -10.98 12.64 -7.61
C ILE B 308 -11.33 11.95 -8.92
N MET B 309 -11.94 10.78 -8.83
CA MET B 309 -12.33 10.04 -10.03
C MET B 309 -13.65 10.52 -10.61
N MET B 310 -14.56 10.93 -9.75
CA MET B 310 -15.89 11.35 -10.18
C MET B 310 -16.24 12.82 -10.05
N ASN B 311 -15.26 13.68 -9.85
CA ASN B 311 -15.58 15.08 -9.74
C ASN B 311 -14.59 15.90 -10.54
N LYS B 312 -14.92 16.08 -11.81
CA LYS B 312 -14.09 16.84 -12.73
C LYS B 312 -13.66 18.16 -12.06
N GLN B 313 -14.62 18.86 -11.44
CA GLN B 313 -14.33 20.14 -10.78
C GLN B 313 -13.18 20.04 -9.81
N PHE B 314 -13.23 19.04 -8.93
CA PHE B 314 -12.20 18.85 -7.94
C PHE B 314 -10.87 18.40 -8.55
N ARG B 315 -10.95 17.40 -9.41
CA ARG B 315 -9.77 16.84 -10.10
C ARG B 315 -8.96 17.95 -10.73
N ASN B 316 -9.62 18.76 -11.57
CA ASN B 316 -8.99 19.87 -12.27
C ASN B 316 -8.41 20.86 -11.30
N CYS B 317 -9.25 21.34 -10.39
CA CYS B 317 -8.80 22.30 -9.42
C CYS B 317 -7.69 21.69 -8.54
N MET B 318 -7.73 20.37 -8.33
CA MET B 318 -6.69 19.69 -7.54
C MET B 318 -5.37 19.84 -8.25
N VAL B 319 -5.29 19.24 -9.43
CA VAL B 319 -4.09 19.31 -10.26
C VAL B 319 -3.70 20.75 -10.47
N THR B 320 -4.70 21.64 -10.52
CA THR B 320 -4.44 23.05 -10.70
C THR B 320 -3.50 23.49 -9.59
N THR B 321 -3.59 22.82 -8.45
CA THR B 321 -2.73 23.13 -7.30
C THR B 321 -1.42 22.33 -7.31
N LEU B 322 -1.44 21.17 -7.96
CA LEU B 322 -0.24 20.34 -8.03
C LEU B 322 0.77 20.84 -9.05
N CYS B 323 0.26 21.37 -10.16
CA CYS B 323 1.16 21.88 -11.18
C CYS B 323 1.64 23.27 -10.92
N CYS B 324 1.27 23.76 -9.75
CA CYS B 324 1.63 25.10 -9.33
C CYS B 324 0.95 26.03 -10.35
N GLY B 325 0.32 25.42 -11.34
CA GLY B 325 -0.39 26.15 -12.39
C GLY B 325 0.04 25.98 -13.84
N LYS B 326 1.13 25.24 -14.10
CA LYS B 326 1.65 25.04 -15.46
C LYS B 326 0.91 24.01 -16.36
N ASN B 327 -0.35 23.73 -16.03
CA ASN B 327 -1.17 22.77 -16.79
C ASN B 327 -1.36 23.04 -18.27
C1 NAG C . -5.56 -0.50 -40.06
C2 NAG C . -4.23 0.17 -39.89
C3 NAG C . -4.46 1.67 -40.00
C4 NAG C . -5.16 2.02 -41.32
C5 NAG C . -6.41 1.13 -41.55
C6 NAG C . -6.98 1.25 -42.93
C7 NAG C . -2.40 -0.23 -38.40
C8 NAG C . -1.63 -1.31 -39.16
N2 NAG C . -3.70 -0.17 -38.59
O3 NAG C . -3.22 2.34 -39.91
O4 NAG C . -5.58 3.40 -41.24
O5 NAG C . -6.08 -0.26 -41.36
O6 NAG C . -7.21 -0.03 -43.49
O7 NAG C . -1.80 0.50 -37.62
C1 NAG C . -4.96 4.33 -42.06
C2 NAG C . -6.05 5.02 -42.91
C3 NAG C . -5.50 6.25 -43.67
C4 NAG C . -4.53 7.12 -42.85
C5 NAG C . -3.58 6.29 -41.97
C6 NAG C . -2.88 7.18 -40.95
C7 NAG C . -7.84 4.01 -44.19
C8 NAG C . -8.88 3.94 -43.08
N2 NAG C . -6.56 4.04 -43.85
O3 NAG C . -6.61 7.05 -44.08
O4 NAG C . -3.75 7.92 -43.75
O5 NAG C . -4.30 5.29 -41.23
O6 NAG C . -1.46 7.15 -41.10
O7 NAG C . -8.20 4.00 -45.38
C1 MAN C . -3.52 9.24 -43.41
C2 MAN C . -4.20 10.17 -44.43
C3 MAN C . -3.81 11.63 -44.18
C4 MAN C . -2.84 11.77 -42.99
C5 MAN C . -1.67 10.75 -43.03
C6 MAN C . -1.01 10.57 -41.67
O2 MAN C . -5.62 10.03 -44.36
O3 MAN C . -4.98 12.40 -43.93
O4 MAN C . -2.29 13.09 -42.95
O5 MAN C . -2.10 9.44 -43.47
O6 MAN C . 0.40 10.46 -41.78
C1 NAG D . -2.69 -16.45 -34.69
C2 NAG D . -1.46 -17.23 -35.13
C3 NAG D . -1.84 -18.72 -35.12
C4 NAG D . -2.34 -19.11 -33.72
C5 NAG D . -3.42 -18.16 -33.19
C6 NAG D . -3.69 -18.40 -31.71
C7 NAG D . 0.01 -16.00 -36.58
C8 NAG D . 1.40 -16.60 -36.40
N2 NAG D . -1.03 -16.83 -36.45
O3 NAG D . -0.70 -19.49 -35.46
O4 NAG D . -2.88 -20.45 -33.74
O5 NAG D . -3.02 -16.79 -33.34
O6 NAG D . -2.50 -18.78 -31.02
O7 NAG D . -0.12 -14.80 -36.85
C1 NAG D . -2.06 -21.40 -33.17
C2 NAG D . -2.91 -22.45 -32.43
C3 NAG D . -2.10 -23.73 -32.08
C4 NAG D . -1.11 -24.15 -33.18
C5 NAG D . -0.35 -22.94 -33.72
C6 NAG D . 0.60 -23.24 -34.86
C7 NAG D . -2.76 -21.74 -30.07
C8 NAG D . -1.32 -21.23 -30.12
N2 NAG D . -3.46 -21.85 -31.21
O3 NAG D . -3.00 -24.80 -31.82
O4 NAG D . -0.18 -25.10 -32.67
O5 NAG D . -1.31 -21.99 -34.22
O6 NAG D . 0.57 -22.21 -35.85
O7 NAG D . -3.26 -22.01 -28.96
C1 NAG E . -4.05 -19.71 30.87
C2 NAG E . -4.11 -18.36 31.56
C3 NAG E . -2.79 -18.05 32.25
C4 NAG E . -2.29 -19.24 33.09
C5 NAG E . -2.41 -20.56 32.34
C6 NAG E . -2.16 -21.74 33.25
C7 NAG E . -5.47 -16.57 30.71
C8 NAG E . -6.83 -17.23 30.86
N2 NAG E . -4.41 -17.36 30.56
O3 NAG E . -2.96 -16.93 33.10
O4 NAG E . -0.90 -19.04 33.42
O5 NAG E . -3.74 -20.72 31.83
O6 NAG E . -1.11 -22.56 32.74
O7 NAG E . -5.39 -15.35 30.69
C1 NAG E . -0.62 -18.12 34.41
C2 NAG E . 0.72 -18.47 35.06
C3 NAG E . 1.12 -17.38 36.05
C4 NAG E . 1.10 -16.01 35.37
C5 NAG E . -0.27 -15.80 34.70
C6 NAG E . -0.39 -14.53 33.90
C7 NAG E . 0.68 -20.86 35.03
C8 NAG E . 0.02 -22.08 35.64
N2 NAG E . 0.64 -19.74 35.74
O3 NAG E . 2.41 -17.64 36.55
O4 NAG E . 1.33 -14.99 36.37
O5 NAG E . -0.53 -16.86 33.77
O6 NAG E . -1.07 -14.77 32.67
O7 NAG E . 1.22 -20.94 33.91
C1 BMA E . 2.51 -14.26 36.29
C2 BMA E . 2.34 -12.94 37.05
C3 BMA E . 3.62 -12.11 36.97
C4 BMA E . 4.80 -12.94 37.49
C5 BMA E . 4.86 -14.34 36.82
C6 BMA E . 5.88 -15.26 37.48
O2 BMA E . 2.05 -13.22 38.41
O3 BMA E . 3.45 -10.92 37.78
O4 BMA E . 6.01 -12.24 37.23
O5 BMA E . 3.57 -15.02 36.91
O6 BMA E . 6.52 -16.10 36.53
C1 BMA E . 4.10 -9.74 37.40
C2 BMA E . 3.33 -9.00 36.29
C3 BMA E . 4.16 -7.80 35.82
C4 BMA E . 4.46 -6.87 37.01
C5 BMA E . 5.07 -7.66 38.18
C6 BMA E . 5.15 -6.85 39.46
O2 BMA E . 2.07 -8.54 36.78
O3 BMA E . 3.48 -7.08 34.80
O4 BMA E . 5.36 -5.85 36.59
O5 BMA E . 4.29 -8.85 38.50
O6 BMA E . 5.07 -7.69 40.61
C1 NAG F . -18.43 -23.22 22.14
C2 NAG F . -19.70 -23.13 22.98
C3 NAG F . -20.77 -24.09 22.43
C4 NAG F . -20.91 -24.03 20.89
C5 NAG F . -19.54 -24.00 20.18
C6 NAG F . -19.64 -23.73 18.69
C7 NAG F . -19.52 -22.61 25.35
C8 NAG F . -18.43 -21.56 25.53
N2 NAG F . -19.38 -23.48 24.34
O3 NAG F . -22.02 -23.77 23.03
O4 NAG F . -21.65 -25.20 20.43
O5 NAG F . -18.72 -22.98 20.76
O6 NAG F . -20.32 -22.52 18.41
O7 NAG F . -20.46 -22.66 26.13
C1 NAG F . -22.71 -24.98 19.56
C2 NAG F . -23.01 -26.29 18.77
C3 NAG F . -24.37 -26.23 18.03
C4 NAG F . -25.49 -25.67 18.92
C5 NAG F . -25.03 -24.35 19.57
C6 NAG F . -26.08 -23.75 20.49
C7 NAG F . -21.30 -27.66 17.74
C8 NAG F . -21.66 -28.59 16.58
N2 NAG F . -21.95 -26.50 17.80
O3 NAG F . -24.73 -27.54 17.61
O4 NAG F . -26.66 -25.44 18.13
O5 NAG F . -23.85 -24.60 20.36
O6 NAG F . -25.47 -22.89 21.45
O7 NAG F . -20.43 -27.99 18.56
C1 BNG G . 9.00 -12.05 11.79
C2 BNG G . 10.25 -12.57 12.57
C3 BNG G . 10.37 -11.84 13.94
C4 BNG G . 10.49 -10.30 13.69
C5 BNG G . 9.21 -9.81 12.90
C6 BNG G . 9.31 -8.30 12.61
C1' BNG G . 7.82 -12.34 9.69
C2' BNG G . 8.21 -12.60 8.26
C3' BNG G . 7.12 -12.15 7.30
C4' BNG G . 7.51 -10.91 6.55
C5' BNG G . 6.53 -9.78 6.79
C6' BNG G . 6.12 -9.14 5.50
C7' BNG G . 6.11 -7.63 5.57
C8' BNG G . 6.90 -7.03 4.44
C9' BNG G . 5.96 -6.43 3.40
O1 BNG G . 8.92 -12.72 10.52
O2 BNG G . 10.14 -13.97 12.76
O3 BNG G . 11.52 -12.31 14.64
O4 BNG G . 10.60 -9.60 14.94
O5 BNG G . 9.12 -10.57 11.63
O6 BNG G . 8.84 -7.53 13.71
C1 BNG H . 6.82 -19.37 7.84
C2 BNG H . 6.82 -20.87 7.39
C3 BNG H . 7.01 -21.80 8.62
C4 BNG H . 8.33 -21.45 9.33
C5 BNG H . 8.31 -19.94 9.77
C6 BNG H . 9.63 -19.56 10.47
C1' BNG H . 6.63 -17.11 6.91
C2' BNG H . 7.24 -16.41 5.71
C3' BNG H . 6.24 -16.21 4.58
C4' BNG H . 6.05 -14.72 4.25
C5' BNG H . 6.40 -14.40 2.81
C6' BNG H . 6.82 -12.94 2.67
C7' BNG H . 5.86 -12.16 1.79
C8' BNG H . 6.61 -11.43 0.70
C9' BNG H . 6.29 -9.96 0.75
O1 BNG H . 6.66 -18.52 6.68
O2 BNG H . 5.59 -21.18 6.71
O3 BNG H . 7.03 -23.16 8.21
O4 BNG H . 8.53 -22.29 10.47
O5 BNG H . 8.08 -19.10 8.57
O6 BNG H . 10.73 -19.63 9.57
C1 BNG I . -1.41 -19.28 -22.51
C2 BNG I . -1.99 -20.68 -22.89
C3 BNG I . -2.58 -20.62 -24.32
C4 BNG I . -3.70 -19.56 -24.37
C5 BNG I . -3.13 -18.17 -23.94
C6 BNG I . -4.24 -17.10 -23.93
C1' BNG I . -0.23 -18.11 -20.74
C2' BNG I . 0.35 -18.33 -19.35
C3' BNG I . 1.82 -17.96 -19.31
C4' BNG I . 2.13 -17.00 -18.17
C5' BNG I . 3.00 -17.64 -17.09
C6' BNG I . 2.56 -17.20 -15.72
C7' BNG I . 3.72 -16.66 -14.90
C8' BNG I . 3.86 -17.43 -13.61
C9' BNG I . 5.21 -18.12 -13.53
O1 BNG I . -0.84 -19.33 -21.19
O2 BNG I . -0.95 -21.66 -22.82
O3 BNG I . -3.09 -21.90 -24.70
O4 BNG I . -4.28 -19.49 -25.67
O5 BNG I . -2.51 -18.28 -22.61
O6 BNG I . -3.69 -15.79 -23.96
C1 BNG J . 29.70 2.05 12.41
C2 BNG J . 31.15 2.02 13.03
C3 BNG J . 31.50 3.45 13.59
C4 BNG J . 31.43 4.48 12.43
C5 BNG J . 29.97 4.47 11.82
C6 BNG J . 29.88 5.46 10.64
C1' BNG J . 28.07 0.62 11.28
C2' BNG J . 28.15 -0.37 10.12
C3' BNG J . 28.92 -1.64 10.51
C4' BNG J . 27.99 -2.83 10.68
C5' BNG J . 28.07 -3.41 12.09
C6' BNG J . 26.75 -3.24 12.83
C7' BNG J . 26.25 -4.56 13.36
C8' BNG J . 24.86 -4.86 12.84
C9' BNG J . 24.90 -6.09 11.94
O1 BNG J . 29.37 0.74 11.87
O2 BNG J . 31.22 1.05 14.07
O3 BNG J . 32.80 3.45 14.16
O4 BNG J . 31.75 5.78 12.92
O5 BNG J . 29.65 3.09 11.34
O6 BNG J . 29.95 4.79 9.40
C1 BNG K . -10.86 -6.98 -25.07
C2 BNG K . -10.87 -6.70 -26.62
C3 BNG K . -11.76 -5.45 -26.92
C4 BNG K . -13.19 -5.69 -26.41
C5 BNG K . -13.17 -6.01 -24.87
C6 BNG K . -14.59 -6.32 -24.36
C1' BNG K . -9.90 -8.50 -23.39
C2' BNG K . -9.27 -9.88 -23.31
C3' BNG K . -7.75 -9.81 -23.40
C4' BNG K . -7.14 -11.20 -23.35
C5' BNG K . -6.30 -11.40 -22.10
C6' BNG K . -7.17 -11.89 -20.94
C7' BNG K . -6.47 -12.97 -20.14
C8' BNG K . -6.29 -12.51 -18.70
C9' BNG K . -4.83 -12.39 -18.37
O1 BNG K . -10.04 -8.15 -24.78
O2 BNG K . -9.54 -6.51 -27.08
O3 BNG K . -11.80 -5.18 -28.32
O4 BNG K . -14.02 -4.56 -26.67
O5 BNG K . -12.28 -7.17 -24.61
O6 BNG K . -15.11 -7.49 -24.97
HG HG L . 5.48 -7.11 -5.30
HG HG M . 22.04 -16.19 1.02
HG HG N . 18.06 4.04 15.56
ZN ZN O . 11.53 -14.50 -31.72
ZN ZN P . 9.56 -1.14 17.96
ZN ZN Q . 20.80 -6.19 -15.45
ZN ZN R . 4.68 -10.04 -12.58
C1 PLM S . 6.56 11.92 17.07
O2 PLM S . 6.72 13.12 17.17
C2 PLM S . 5.15 11.37 17.04
C3 PLM S . 4.82 10.63 15.74
C4 PLM S . 4.30 11.58 14.67
C5 PLM S . 4.96 11.29 13.33
C6 PLM S . 4.13 10.32 12.52
C7 PLM S . 3.45 11.02 11.37
C8 PLM S . 3.27 10.10 10.16
C9 PLM S . 4.37 10.31 9.13
CA PLM S . 3.94 9.89 7.72
CB PLM S . 5.15 9.78 6.80
CC PLM S . 5.12 10.84 5.70
CD PLM S . 6.52 11.36 5.41
CE PLM S . 6.52 12.21 4.16
CF PLM S . 7.79 11.98 3.34
CG PLM S . 7.81 12.87 2.10
C1 PLM T . 9.04 17.12 14.47
O2 PLM T . 9.45 17.13 13.32
C2 PLM T . 7.56 17.38 14.77
C3 PLM T . 6.79 16.16 15.31
C4 PLM T . 5.56 15.82 14.45
C5 PLM T . 4.28 16.45 15.02
C6 PLM T . 3.08 15.50 14.90
C7 PLM T . 2.02 16.04 13.94
C8 PLM T . 1.14 14.92 13.38
C9 PLM T . -0.11 15.48 12.70
CA PLM T . -1.36 15.28 13.57
CB PLM T . -2.56 16.06 13.04
CC PLM T . -3.87 15.54 13.63
CD PLM T . -4.92 15.29 12.56
CE PLM T . -6.00 16.38 12.57
CF PLM T . -6.88 16.36 11.32
CG PLM T . -7.06 17.76 10.76
C1 RET U . 13.34 -9.44 -16.07
C2 RET U . 13.42 -10.55 -14.90
C3 RET U . 13.83 -9.98 -13.56
C4 RET U . 13.03 -8.68 -13.16
C5 RET U . 13.08 -7.67 -14.28
C6 RET U . 13.08 -8.04 -15.61
C7 RET U . 12.81 -7.12 -16.75
C8 RET U . 11.63 -6.39 -16.83
C9 RET U . 11.24 -5.27 -17.74
C10 RET U . 10.34 -4.33 -17.40
C11 RET U . 9.93 -3.16 -18.18
C12 RET U . 8.80 -2.41 -18.11
C13 RET U . 7.59 -2.26 -17.26
C14 RET U . 6.92 -1.07 -17.27
C15 RET U . 6.23 -0.37 -16.15
C16 RET U . 14.68 -9.54 -16.83
C17 RET U . 12.25 -10.09 -17.02
C18 RET U . 13.20 -6.21 -13.75
C19 RET U . 11.94 -5.30 -19.06
C20 RET U . 7.13 -3.47 -16.47
C1 HTO V . 1.49 -3.40 -2.12
O1 HTO V . 2.14 -4.10 -1.02
C2 HTO V . 1.94 -1.94 -2.12
O2 HTO V . 3.38 -1.96 -2.25
C3 HTO V . 1.29 -1.06 -3.33
O3 HTO V . 1.78 0.28 -3.26
C4 HTO V . -0.27 -0.98 -3.27
C5 HTO V . -0.96 -0.21 -4.48
C6 HTO V . -1.62 1.14 -4.13
C7 HTO V . -2.91 1.37 -4.91
C1 HTO W . -4.66 -4.12 -12.97
O1 HTO W . -4.94 -3.42 -14.22
C2 HTO W . -3.36 -3.61 -12.35
O2 HTO W . -3.53 -2.19 -12.12
C3 HTO W . -3.00 -4.36 -10.95
O3 HTO W . -1.77 -3.84 -10.41
C4 HTO W . -2.81 -5.89 -11.13
C5 HTO W . -3.57 -6.78 -10.07
C6 HTO W . -2.91 -8.16 -9.78
C7 HTO W . -3.84 -9.10 -9.02
C1 HTO X . 22.04 -5.46 16.59
O1 HTO X . 23.33 -4.82 16.85
C2 HTO X . 20.94 -4.40 16.37
O2 HTO X . 21.35 -3.60 15.25
C3 HTO X . 19.46 -5.02 16.08
O3 HTO X . 18.54 -3.92 15.90
C4 HTO X . 18.89 -5.90 17.23
C5 HTO X . 18.05 -7.16 16.77
C6 HTO X . 16.59 -6.89 16.37
C7 HTO X . 15.67 -8.07 16.70
C1 HTO Y . 3.89 6.16 10.28
O1 HTO Y . 3.49 5.68 8.95
C2 HTO Y . 4.67 5.07 11.03
O2 HTO Y . 5.82 4.75 10.23
C3 HTO Y . 5.14 5.52 12.49
O3 HTO Y . 5.86 4.43 13.12
C4 HTO Y . 3.95 5.88 13.42
C5 HTO Y . 4.31 6.84 14.60
C6 HTO Y . 4.61 6.14 15.93
C7 HTO Y . 4.25 7.02 17.12
C1 BNG Z . 0.95 -19.79 5.03
C2 BNG Z . 0.99 -19.91 6.60
C3 BNG Z . -0.22 -20.77 7.08
C4 BNG Z . -1.55 -20.10 6.61
C5 BNG Z . -1.55 -19.99 5.04
C6 BNG Z . -2.83 -19.30 4.55
C1' BNG Z . 2.15 -18.78 3.13
C2' BNG Z . 2.77 -17.40 2.85
C3' BNG Z . 2.20 -16.81 1.56
C4' BNG Z . 1.65 -15.40 1.79
C5' BNG Z . 1.89 -14.52 0.58
C6' BNG Z . 2.07 -13.06 0.98
C7' BNG Z . 2.52 -12.19 -0.18
C8' BNG Z . 1.51 -11.10 -0.47
C9' BNG Z . 2.18 -9.75 -0.46
O1 BNG Z . 2.07 -18.97 4.56
O2 BNG Z . 2.21 -20.48 7.03
O3 BNG Z . -0.20 -20.87 8.50
O4 BNG Z . -2.68 -20.86 7.03
O5 BNG Z . -0.37 -19.21 4.61
O6 BNG Z . -2.68 -18.78 3.23
C1 BNG AA . -18.79 -19.59 11.53
C2 BNG AA . -19.89 -20.66 11.88
C3 BNG AA . -20.95 -20.72 10.72
C4 BNG AA . -21.60 -19.31 10.57
C5 BNG AA . -20.48 -18.25 10.24
C6 BNG AA . -21.10 -16.83 10.13
C1' BNG AA . -16.73 -18.62 12.40
C2' BNG AA . -15.47 -19.46 12.32
C3' BNG AA . -14.27 -18.72 12.92
C4' BNG AA . -13.07 -18.73 11.98
C5' BNG AA . -11.83 -19.23 12.68
C6' BNG AA . -10.65 -18.32 12.40
C7' BNG AA . -9.41 -19.12 12.06
C8' BNG AA . -8.39 -18.99 13.16
C9' BNG AA . -8.29 -20.28 13.96
O1 BNG AA . -17.83 -19.52 12.61
O2 BNG AA . -19.28 -21.94 12.07
O3 BNG AA . -21.94 -21.69 11.03
O4 BNG AA . -22.59 -19.33 9.54
O5 BNG AA . -19.47 -18.27 11.31
O6 BNG AA . -20.92 -16.29 8.82
HG HG BA . -14.19 0.15 0.98
HG HG CA . -30.74 10.43 -2.11
HG HG DA . -9.92 25.35 -9.47
ZN ZN EA . -14.42 -6.37 34.57
ZN ZN FA . -25.30 -11.25 24.87
ZN ZN GA . -22.91 7.86 15.32
C1 PLM HA . 2.79 20.34 -13.17
O2 PLM HA . 3.39 21.33 -12.75
C2 PLM HA . 3.59 19.13 -13.64
C3 PLM HA . 4.15 18.31 -12.48
C4 PLM HA . 3.23 17.15 -12.12
C5 PLM HA . 3.36 16.75 -10.66
C6 PLM HA . 3.54 15.23 -10.51
C7 PLM HA . 2.21 14.51 -10.27
C8 PLM HA . 2.35 13.40 -9.23
C9 PLM HA . 1.33 13.54 -8.10
CA PLM HA . 1.77 12.78 -6.84
CB PLM HA . 1.70 13.66 -5.58
CC PLM HA . 2.56 13.08 -4.45
CD PLM HA . 2.30 13.80 -3.13
CE PLM HA . 3.46 14.73 -2.78
CF PLM HA . 3.59 14.93 -1.27
CG PLM HA . 2.53 15.87 -0.71
C1 RET IA . -21.24 0.16 12.66
C2 RET IA . -22.00 0.02 11.35
C3 RET IA . -21.71 1.12 10.33
C4 RET IA . -20.18 1.43 10.18
C5 RET IA . -19.50 1.61 11.54
C6 RET IA . -19.87 0.89 12.60
C7 RET IA . -19.00 0.71 13.84
C8 RET IA . -17.71 0.26 13.68
C9 RET IA . -16.58 0.16 14.66
C10 RET IA . -15.28 0.06 14.28
C11 RET IA . -14.08 0.11 15.17
C12 RET IA . -12.80 -0.33 15.00
C13 RET IA . -11.93 -0.92 13.91
C14 RET IA . -10.58 -0.72 13.93
C15 RET IA . -9.67 -0.53 12.77
C16 RET IA . -22.17 0.89 13.71
C17 RET IA . -21.17 -1.33 13.20
C18 RET IA . -18.40 2.69 11.51
C19 RET IA . -17.05 0.16 16.08
C20 RET IA . -12.61 -1.72 12.85
C1 HTO JA . -6.94 11.58 -12.19
O1 HTO JA . -5.59 11.82 -11.69
C2 HTO JA . -7.01 10.19 -12.84
O2 HTO JA . -6.63 9.26 -11.80
C3 HTO JA . -8.48 9.81 -13.41
O3 HTO JA . -8.45 8.49 -13.99
C4 HTO JA . -9.00 10.75 -14.53
C5 HTO JA . -10.57 10.66 -14.70
C6 HTO JA . -11.13 10.86 -16.11
C7 HTO JA . -12.65 10.70 -16.13
C1 HTO KA . -9.17 3.08 -2.02
O1 HTO KA . -7.80 3.21 -1.54
C2 HTO KA . -9.18 2.29 -3.32
O2 HTO KA . -8.58 1.01 -3.04
C3 HTO KA . -10.66 2.08 -3.94
O3 HTO KA . -10.54 1.31 -5.16
C4 HTO KA . -11.37 3.43 -4.27
C5 HTO KA . -12.80 3.35 -4.94
C6 HTO KA . -12.86 3.71 -6.44
C7 HTO KA . -13.90 4.78 -6.78
#